data_7Y8V
#
_entry.id   7Y8V
#
_cell.length_a   136.423
_cell.length_b   136.423
_cell.length_c   119.001
_cell.angle_alpha   90.000
_cell.angle_beta   90.000
_cell.angle_gamma   120.000
#
_symmetry.space_group_name_H-M   'P 31 2 1'
#
loop_
_entity.id
_entity.type
_entity.pdbx_description
1 polymer 'AlbE homolog'
2 polymer 'AlbF homolog H54A/H58A mutant'
3 non-polymer 'PHOSPHATE ION'
4 non-polymer 1,2-ETHANEDIOL
5 water water
#
loop_
_entity_poly.entity_id
_entity_poly.type
_entity_poly.pdbx_seq_one_letter_code
_entity_poly.pdbx_strand_id
1 'polypeptide(L)'
;MGSSHHHHHHSQDPMDIKINGIKKYTIHVLAKVSASGMEFTQEKDFEHQLLLTDMLETVIRKSVEVNPVLHFHLRKSIIM
NHSYFILGLNYIPPAFATKNVKSIHEIYQAIQDVNDLQLLDEFEKSKEKLINKIQQYKHSDSHSGSIRLKDRLFADKKYG
SDRLGNFEKMNKITDNIIYAAPDMVNKICEGDGLFYHINDGAIHISNIKDFNYYIPAVINEGVEDIRTDFSKEYSILTCA
YTFEHVTDLEREILIPMFDGYIGKYGHSVLFKTLRLVDENLYHISSHYDQESNLLFITVLCSKNQLSTILTKIQHTIESI
EFDSVSFSLSKVMFENESRFRFEDINGLLSHVIKQHGEYKNPESFLKAIQNTDIADFYRLKANMRWVGTSIVEGG
;
E
2 'polypeptide(L)'
;MLNKSFVKKLDESLNRKQVGSTNVTRYKIEDSYLVLAAVRVGIGGLTYHNGAAAFLEALKFWRYGENIYNLFFQRGAILN
AYTTLEFTDYVFLSKEESINENLNLLLTFLYHHQYDEKTISLERNIIINEINGAGTARLNGQESIEKERHCILGSAESIS
RMGRKEFELISQKYYTPENTSIYVIGGNQDIDLFHIPTAVMTTQYGKPTHKVNVNEVEMNKDMILLPVEHGDYLKNRMIC
HLIADMIKHLAQQLEYDVSVGLFISTNQHSCYLKVKKSDQKRFSSLIQQLSMDEHFIETYIKDYQWRFMNELVINFNQLH
NIYDYMTEYRLGEYTVAELFGSLDSVDKLDILAVRNELINQLTVGE
;
F
#
# COMPACT_ATOMS: atom_id res chain seq x y z
N GLN A 12 5.98 3.91 37.37
CA GLN A 12 6.07 2.56 36.82
C GLN A 12 4.72 2.06 36.33
N ASP A 13 4.72 1.32 35.22
CA ASP A 13 3.49 0.74 34.72
C ASP A 13 2.96 -0.30 35.70
N PRO A 14 1.64 -0.47 35.79
CA PRO A 14 1.11 -1.53 36.66
C PRO A 14 1.42 -2.92 36.13
N MET A 15 1.53 -3.07 34.80
CA MET A 15 1.76 -4.35 34.16
C MET A 15 2.78 -4.19 33.04
N ASP A 16 3.26 -5.33 32.55
CA ASP A 16 4.07 -5.43 31.34
C ASP A 16 3.53 -6.66 30.61
N ILE A 17 2.47 -6.45 29.83
CA ILE A 17 1.85 -7.53 29.06
C ILE A 17 2.69 -7.71 27.80
N LYS A 18 3.54 -8.73 27.81
CA LYS A 18 4.43 -9.03 26.69
C LYS A 18 3.77 -10.09 25.81
N ILE A 19 3.53 -9.74 24.55
CA ILE A 19 3.01 -10.66 23.56
C ILE A 19 4.19 -11.13 22.71
N ASN A 20 4.52 -12.42 22.83
CA ASN A 20 5.70 -12.97 22.18
C ASN A 20 5.39 -13.35 20.73
N GLY A 21 6.45 -13.73 20.01
CA GLY A 21 6.32 -14.25 18.66
C GLY A 21 5.96 -13.22 17.61
N ILE A 22 6.27 -11.97 17.85
CA ILE A 22 5.92 -10.89 16.92
C ILE A 22 7.01 -10.77 15.86
N LYS A 23 6.59 -10.40 14.64
CA LYS A 23 7.54 -10.07 13.58
C LYS A 23 8.55 -9.04 14.08
N LYS A 24 9.82 -9.26 13.74
CA LYS A 24 10.90 -8.36 14.16
C LYS A 24 11.03 -7.25 13.13
N TYR A 25 10.74 -6.02 13.55
CA TYR A 25 10.80 -4.87 12.66
C TYR A 25 12.13 -4.15 12.81
N THR A 26 12.43 -3.31 11.82
CA THR A 26 13.67 -2.53 11.87
C THR A 26 13.59 -1.37 12.85
N ILE A 27 12.38 -1.00 13.28
CA ILE A 27 12.20 0.13 14.18
C ILE A 27 11.45 -0.35 15.41
N HIS A 28 11.57 0.42 16.49
CA HIS A 28 10.76 0.26 17.68
C HIS A 28 9.66 1.32 17.69
N VAL A 29 8.57 1.00 18.37
CA VAL A 29 7.41 1.89 18.43
C VAL A 29 7.04 2.11 19.89
N LEU A 30 6.69 3.35 20.22
CA LEU A 30 6.18 3.70 21.54
C LEU A 30 4.93 4.54 21.34
N ALA A 31 3.79 4.04 21.81
CA ALA A 31 2.51 4.68 21.58
C ALA A 31 1.73 4.80 22.88
N LYS A 32 0.98 5.90 23.00
CA LYS A 32 0.05 6.12 24.10
C LYS A 32 -1.34 6.33 23.54
N VAL A 33 -2.33 5.69 24.14
CA VAL A 33 -3.72 5.79 23.73
C VAL A 33 -4.52 6.30 24.92
N SER A 34 -5.13 7.47 24.77
CA SER A 34 -5.88 8.12 25.84
C SER A 34 -7.36 8.06 25.55
N ALA A 35 -8.13 7.53 26.50
CA ALA A 35 -9.53 7.22 26.30
C ALA A 35 -10.40 8.46 26.44
N SER A 36 -11.69 8.28 26.14
CA SER A 36 -12.70 9.31 26.34
C SER A 36 -14.05 8.60 26.40
N GLY A 37 -14.64 8.53 27.59
CA GLY A 37 -15.91 7.85 27.78
C GLY A 37 -17.08 8.43 27.03
N MET A 38 -16.89 9.55 26.33
CA MET A 38 -17.97 10.17 25.57
C MET A 38 -17.97 9.63 24.14
N GLU A 39 -19.12 9.10 23.70
CA GLU A 39 -19.32 8.87 22.29
C GLU A 39 -19.18 10.21 21.56
N PHE A 40 -18.53 10.19 20.39
CA PHE A 40 -18.03 11.43 19.80
C PHE A 40 -19.12 12.42 19.43
N THR A 41 -20.39 12.00 19.34
CA THR A 41 -21.45 12.97 19.15
C THR A 41 -21.66 13.83 20.38
N GLN A 42 -21.36 13.29 21.56
CA GLN A 42 -21.50 14.06 22.80
C GLN A 42 -20.51 15.21 22.86
N GLU A 43 -19.34 15.05 22.27
CA GLU A 43 -18.36 16.13 22.21
C GLU A 43 -18.89 17.25 21.33
N LYS A 44 -19.08 18.44 21.93
CA LYS A 44 -19.60 19.58 21.20
C LYS A 44 -18.51 20.40 20.51
N ASP A 45 -17.27 20.30 20.97
CA ASP A 45 -16.13 20.97 20.35
C ASP A 45 -15.38 20.04 19.41
N PHE A 46 -16.08 19.08 18.80
CA PHE A 46 -15.42 18.05 17.99
C PHE A 46 -14.56 18.66 16.90
N GLU A 47 -15.13 19.59 16.13
CA GLU A 47 -14.38 20.21 15.05
C GLU A 47 -13.19 21.00 15.57
N HIS A 48 -13.33 21.63 16.75
CA HIS A 48 -12.21 22.34 17.34
C HIS A 48 -11.10 21.40 17.76
N GLN A 49 -11.46 20.27 18.40
CA GLN A 49 -10.45 19.33 18.86
C GLN A 49 -9.68 18.72 17.70
N LEU A 50 -10.36 18.48 16.58
CA LEU A 50 -9.67 17.96 15.41
C LEU A 50 -8.63 18.95 14.90
N LEU A 51 -9.03 20.20 14.73
CA LEU A 51 -8.13 21.20 14.13
C LEU A 51 -6.92 21.45 15.01
N LEU A 52 -7.13 21.60 16.32
CA LEU A 52 -6.00 21.82 17.22
C LEU A 52 -5.08 20.62 17.24
N THR A 53 -5.63 19.41 17.14
CA THR A 53 -4.80 18.20 17.16
C THR A 53 -3.88 18.15 15.94
N ASP A 54 -4.40 18.50 14.77
CA ASP A 54 -3.56 18.51 13.58
C ASP A 54 -2.51 19.61 13.66
N MET A 55 -2.90 20.80 14.12
CA MET A 55 -1.94 21.87 14.33
C MET A 55 -0.83 21.43 15.26
N LEU A 56 -1.21 20.78 16.38
CA LEU A 56 -0.22 20.30 17.35
C LEU A 56 0.70 19.26 16.73
N GLU A 57 0.13 18.28 16.02
CA GLU A 57 0.94 17.25 15.39
C GLU A 57 1.99 17.85 14.47
N THR A 58 1.59 18.84 13.66
CA THR A 58 2.53 19.42 12.71
C THR A 58 3.69 20.11 13.42
N VAL A 59 3.39 20.89 14.46
CA VAL A 59 4.43 21.63 15.18
C VAL A 59 5.34 20.66 15.95
N ILE A 60 4.74 19.73 16.70
CA ILE A 60 5.54 18.81 17.50
C ILE A 60 6.44 17.96 16.61
N ARG A 61 5.90 17.51 15.46
CA ARG A 61 6.67 16.71 14.52
C ARG A 61 7.98 17.39 14.13
N LYS A 62 7.94 18.71 13.87
CA LYS A 62 9.16 19.41 13.48
C LYS A 62 10.20 19.39 14.58
N SER A 63 9.77 19.31 15.84
CA SER A 63 10.70 19.28 16.97
C SER A 63 11.14 17.87 17.33
N VAL A 64 10.28 16.86 17.14
CA VAL A 64 10.54 15.53 17.66
C VAL A 64 11.13 14.62 16.60
N GLU A 65 10.70 14.79 15.34
CA GLU A 65 11.19 13.95 14.25
C GLU A 65 12.64 14.26 13.90
N VAL A 66 13.55 14.05 14.85
CA VAL A 66 14.98 14.04 14.60
C VAL A 66 15.52 12.70 15.10
N ASN A 67 16.73 12.38 14.67
CA ASN A 67 17.33 11.10 15.01
C ASN A 67 17.33 10.90 16.53
N PRO A 68 16.97 9.71 17.03
CA PRO A 68 16.62 8.48 16.30
C PRO A 68 15.15 8.40 15.85
N VAL A 69 14.34 9.42 16.13
CA VAL A 69 12.92 9.36 15.80
C VAL A 69 12.75 9.53 14.30
N LEU A 70 12.05 8.58 13.67
CA LEU A 70 11.78 8.63 12.24
C LEU A 70 10.41 9.20 11.91
N HIS A 71 9.42 8.98 12.78
CA HIS A 71 8.07 9.46 12.52
C HIS A 71 7.36 9.71 13.85
N PHE A 72 6.67 10.84 13.94
CA PHE A 72 5.87 11.18 15.11
C PHE A 72 4.41 11.26 14.69
N HIS A 73 3.54 10.66 15.50
CA HIS A 73 2.13 10.52 15.18
C HIS A 73 1.30 11.07 16.35
N LEU A 74 0.36 11.95 16.05
CA LEU A 74 -0.56 12.47 17.06
C LEU A 74 -1.90 12.74 16.39
N ARG A 75 -2.91 11.95 16.73
CA ARG A 75 -4.22 12.10 16.10
C ARG A 75 -5.32 11.90 17.13
N LYS A 76 -6.45 12.57 16.88
CA LYS A 76 -7.70 12.32 17.59
C LYS A 76 -8.48 11.35 16.72
N SER A 77 -8.49 10.07 17.11
CA SER A 77 -9.08 9.01 16.30
C SER A 77 -10.34 8.48 16.96
N ILE A 78 -11.25 7.98 16.13
CA ILE A 78 -12.51 7.40 16.57
C ILE A 78 -12.41 5.89 16.42
N ILE A 79 -12.62 5.17 17.53
CA ILE A 79 -12.57 3.71 17.55
C ILE A 79 -13.89 3.22 18.12
N MET A 80 -14.72 2.63 17.28
CA MET A 80 -16.04 2.12 17.67
C MET A 80 -16.84 3.20 18.39
N ASN A 81 -16.90 4.38 17.76
CA ASN A 81 -17.73 5.50 18.19
C ASN A 81 -17.30 6.04 19.57
N HIS A 82 -16.01 5.99 19.86
CA HIS A 82 -15.44 6.69 21.00
C HIS A 82 -14.13 7.32 20.55
N SER A 83 -13.92 8.58 20.92
CA SER A 83 -12.74 9.31 20.47
C SER A 83 -11.55 9.02 21.38
N TYR A 84 -10.37 8.91 20.78
CA TYR A 84 -9.15 8.65 21.52
C TYR A 84 -8.03 9.55 20.98
N PHE A 85 -7.18 10.01 21.88
CA PHE A 85 -5.93 10.63 21.49
C PHE A 85 -4.87 9.53 21.38
N ILE A 86 -4.25 9.42 20.21
CA ILE A 86 -3.27 8.39 19.93
C ILE A 86 -1.96 9.09 19.58
N LEU A 87 -0.98 8.98 20.47
CA LEU A 87 0.35 9.51 20.25
C LEU A 87 1.29 8.34 19.96
N GLY A 88 2.12 8.48 18.94
CA GLY A 88 2.99 7.41 18.52
C GLY A 88 4.37 7.92 18.15
N LEU A 89 5.37 7.06 18.34
CA LEU A 89 6.76 7.40 18.11
C LEU A 89 7.45 6.20 17.47
N ASN A 90 7.89 6.36 16.22
CA ASN A 90 8.70 5.36 15.53
C ASN A 90 10.16 5.80 15.57
N TYR A 91 11.05 4.88 15.92
CA TYR A 91 12.44 5.28 16.09
C TYR A 91 13.37 4.11 15.86
N ILE A 92 14.62 4.45 15.56
CA ILE A 92 15.68 3.44 15.41
C ILE A 92 16.06 2.91 16.77
N PRO A 93 16.13 1.60 16.97
CA PRO A 93 16.45 1.08 18.31
C PRO A 93 17.84 1.49 18.72
N PRO A 94 18.09 1.59 20.03
CA PRO A 94 19.38 2.14 20.49
C PRO A 94 20.59 1.33 20.06
N ALA A 95 20.43 0.03 19.81
CA ALA A 95 21.56 -0.78 19.36
C ALA A 95 22.04 -0.34 17.99
N PHE A 96 21.15 0.22 17.18
CA PHE A 96 21.49 0.66 15.82
C PHE A 96 21.48 2.18 15.68
N ALA A 97 21.34 2.91 16.78
CA ALA A 97 21.16 4.36 16.73
C ALA A 97 22.39 5.07 17.29
N THR A 98 22.79 6.14 16.61
CA THR A 98 23.87 7.00 17.09
C THR A 98 23.42 7.94 18.20
N LYS A 99 22.16 7.86 18.63
CA LYS A 99 21.66 8.65 19.74
C LYS A 99 20.44 7.94 20.32
N ASN A 100 20.31 7.97 21.63
CA ASN A 100 19.21 7.30 22.30
C ASN A 100 17.90 8.06 22.07
N VAL A 101 16.79 7.35 22.25
CA VAL A 101 15.47 7.94 22.05
C VAL A 101 15.04 8.68 23.31
N LYS A 102 14.35 9.79 23.14
CA LYS A 102 13.84 10.55 24.28
C LYS A 102 12.84 9.72 25.07
N SER A 103 12.83 9.90 26.37
CA SER A 103 11.85 9.22 27.20
C SER A 103 10.47 9.83 26.99
N ILE A 104 9.44 9.12 27.47
CA ILE A 104 8.08 9.62 27.38
C ILE A 104 7.97 10.96 28.12
N HIS A 105 8.69 11.09 29.23
CA HIS A 105 8.67 12.36 29.96
C HIS A 105 9.23 13.49 29.11
N GLU A 106 10.32 13.23 28.38
CA GLU A 106 10.88 14.26 27.52
C GLU A 106 9.97 14.56 26.33
N ILE A 107 9.27 13.55 25.83
CA ILE A 107 8.29 13.77 24.76
C ILE A 107 7.15 14.64 25.26
N TYR A 108 6.65 14.34 26.47
CA TYR A 108 5.66 15.22 27.10
C TYR A 108 6.18 16.64 27.18
N GLN A 109 7.45 16.81 27.55
CA GLN A 109 8.00 18.14 27.73
C GLN A 109 8.09 18.90 26.41
N ALA A 110 8.36 18.20 25.31
CA ALA A 110 8.38 18.84 24.00
C ALA A 110 6.99 19.31 23.61
N ILE A 111 5.96 18.52 23.93
CA ILE A 111 4.59 18.92 23.64
C ILE A 111 4.21 20.16 24.44
N GLN A 112 4.60 20.21 25.71
CA GLN A 112 4.28 21.36 26.54
C GLN A 112 5.12 22.58 26.19
N ASP A 113 6.25 22.38 25.52
CA ASP A 113 7.08 23.50 25.08
C ASP A 113 6.65 24.06 23.73
N VAL A 114 5.58 23.52 23.14
CA VAL A 114 5.11 24.01 21.85
C VAL A 114 4.74 25.47 21.97
N ASN A 115 5.21 26.27 21.02
CA ASN A 115 5.00 27.71 21.05
C ASN A 115 3.68 28.07 20.38
N ASP A 116 2.99 29.06 20.93
CA ASP A 116 1.71 29.45 20.37
C ASP A 116 1.86 30.10 19.00
N LEU A 117 2.99 30.74 18.72
CA LEU A 117 3.19 31.32 17.39
C LEU A 117 3.42 30.23 16.36
N GLN A 118 4.11 29.16 16.74
CA GLN A 118 4.26 28.01 15.85
C GLN A 118 2.90 27.42 15.51
N LEU A 119 1.98 27.37 16.48
CA LEU A 119 0.64 26.84 16.22
C LEU A 119 -0.14 27.76 15.29
N LEU A 120 -0.03 29.08 15.48
CA LEU A 120 -0.75 30.02 14.63
C LEU A 120 -0.25 29.97 13.19
N ASP A 121 1.06 29.74 13.00
CA ASP A 121 1.60 29.62 11.65
C ASP A 121 1.03 28.42 10.90
N GLU A 122 0.49 27.42 11.61
CA GLU A 122 -0.09 26.24 10.99
C GLU A 122 -1.61 26.29 10.92
N PHE A 123 -2.23 27.30 11.54
CA PHE A 123 -3.69 27.31 11.67
C PHE A 123 -4.37 27.20 10.32
N GLU A 124 -4.02 28.09 9.39
CA GLU A 124 -4.69 28.10 8.10
C GLU A 124 -4.36 26.84 7.29
N LYS A 125 -3.11 26.40 7.33
CA LYS A 125 -2.75 25.21 6.58
C LYS A 125 -3.43 23.96 7.13
N SER A 126 -3.52 23.84 8.45
CA SER A 126 -4.21 22.70 9.04
C SER A 126 -5.73 22.79 8.81
N LYS A 127 -6.28 23.99 8.85
CA LYS A 127 -7.71 24.16 8.61
C LYS A 127 -8.07 23.78 7.18
N GLU A 128 -7.22 24.13 6.21
CA GLU A 128 -7.47 23.76 4.83
C GLU A 128 -7.31 22.25 4.62
N LYS A 129 -6.34 21.65 5.31
CA LYS A 129 -6.15 20.20 5.23
C LYS A 129 -7.39 19.45 5.73
N LEU A 130 -7.94 19.89 6.87
CA LEU A 130 -9.11 19.20 7.43
C LEU A 130 -10.37 19.50 6.62
N ILE A 131 -10.51 20.74 6.12
CA ILE A 131 -11.64 21.07 5.26
C ILE A 131 -11.65 20.17 4.02
N ASN A 132 -10.47 19.98 3.41
CA ASN A 132 -10.38 19.13 2.23
C ASN A 132 -10.78 17.69 2.55
N LYS A 133 -10.37 17.19 3.72
CA LYS A 133 -10.69 15.81 4.08
C LYS A 133 -12.19 15.61 4.27
N ILE A 134 -12.89 16.64 4.74
CA ILE A 134 -14.34 16.52 4.93
C ILE A 134 -15.05 16.51 3.58
N GLN A 135 -14.63 17.37 2.66
CA GLN A 135 -15.29 17.45 1.36
C GLN A 135 -15.02 16.21 0.52
N GLN A 136 -13.76 15.75 0.49
CA GLN A 136 -13.43 14.54 -0.26
C GLN A 136 -14.18 13.34 0.30
N TYR A 137 -14.34 13.28 1.62
CA TYR A 137 -15.07 12.18 2.25
C TYR A 137 -16.55 12.22 1.88
N LYS A 138 -17.17 13.40 1.92
CA LYS A 138 -18.61 13.49 1.65
C LYS A 138 -18.92 13.35 0.16
N HIS A 139 -17.98 13.72 -0.71
CA HIS A 139 -18.22 13.72 -2.15
C HIS A 139 -17.76 12.44 -2.84
N SER A 140 -17.14 11.50 -2.11
CA SER A 140 -16.66 10.27 -2.73
C SER A 140 -17.82 9.52 -3.35
N ASP A 141 -17.76 9.34 -4.67
CA ASP A 141 -18.90 8.84 -5.44
C ASP A 141 -19.43 7.52 -4.89
N SER A 142 -18.57 6.51 -4.84
CA SER A 142 -18.99 5.21 -4.31
C SER A 142 -19.36 5.32 -2.83
N HIS A 143 -18.56 6.07 -2.06
CA HIS A 143 -18.77 6.23 -0.63
C HIS A 143 -19.94 7.14 -0.29
N SER A 144 -20.44 7.92 -1.25
CA SER A 144 -21.51 8.88 -0.96
C SER A 144 -22.79 8.18 -0.53
N GLY A 145 -23.13 7.07 -1.18
CA GLY A 145 -24.38 6.39 -0.84
C GLY A 145 -24.44 5.95 0.60
N SER A 146 -23.34 5.35 1.10
CA SER A 146 -23.33 4.84 2.46
C SER A 146 -23.46 5.96 3.49
N ILE A 147 -22.86 7.12 3.21
CA ILE A 147 -22.96 8.25 4.13
C ILE A 147 -24.42 8.65 4.32
N ARG A 148 -25.17 8.71 3.21
CA ARG A 148 -26.56 9.15 3.28
C ARG A 148 -27.40 8.20 4.12
N LEU A 149 -27.13 6.90 4.04
CA LEU A 149 -27.91 5.92 4.79
C LEU A 149 -27.66 6.07 6.29
N LYS A 150 -26.40 6.21 6.68
CA LYS A 150 -26.08 6.30 8.11
C LYS A 150 -26.69 7.55 8.74
N ASP A 151 -26.77 8.64 7.99
CA ASP A 151 -27.45 9.83 8.49
C ASP A 151 -28.90 9.54 8.80
N ARG A 152 -29.60 8.86 7.88
CA ARG A 152 -31.02 8.63 8.06
C ARG A 152 -31.30 7.43 8.96
N LEU A 153 -30.48 6.38 8.86
CA LEU A 153 -30.70 5.19 9.67
C LEU A 153 -30.52 5.47 11.15
N PHE A 154 -29.65 6.41 11.51
CA PHE A 154 -29.33 6.70 12.90
C PHE A 154 -29.84 8.05 13.37
N ALA A 155 -30.48 8.83 12.49
CA ALA A 155 -31.08 10.12 12.84
C ALA A 155 -30.07 11.04 13.51
N ASP A 156 -28.85 11.04 12.98
CA ASP A 156 -27.77 11.87 13.50
C ASP A 156 -26.63 11.91 12.48
N LYS A 157 -26.36 13.09 11.90
CA LYS A 157 -25.39 13.19 10.83
C LYS A 157 -23.94 13.11 11.30
N LYS A 158 -23.71 12.99 12.60
CA LYS A 158 -22.35 12.78 13.08
C LYS A 158 -21.83 11.40 12.72
N TYR A 159 -22.73 10.43 12.52
CA TYR A 159 -22.32 9.09 12.13
C TYR A 159 -22.02 8.97 10.64
N GLY A 160 -22.49 9.92 9.83
CA GLY A 160 -22.26 9.87 8.40
C GLY A 160 -21.58 11.10 7.84
N SER A 161 -22.36 12.17 7.62
CA SER A 161 -21.82 13.35 6.96
C SER A 161 -20.76 14.04 7.81
N ASP A 162 -20.99 14.14 9.11
CA ASP A 162 -20.11 14.90 10.00
C ASP A 162 -19.13 14.02 10.75
N ARG A 163 -18.85 12.81 10.25
CA ARG A 163 -17.93 11.93 10.96
C ARG A 163 -16.52 12.50 11.00
N LEU A 164 -16.10 13.18 9.94
CA LEU A 164 -14.81 13.87 9.92
C LEU A 164 -14.94 15.33 10.31
N GLY A 165 -16.05 15.70 10.92
CA GLY A 165 -16.33 17.07 11.33
C GLY A 165 -17.41 17.68 10.45
N ASN A 166 -18.29 18.45 11.08
CA ASN A 166 -19.30 19.20 10.33
C ASN A 166 -18.61 20.31 9.54
N PHE A 167 -18.95 20.44 8.25
CA PHE A 167 -18.28 21.41 7.40
C PHE A 167 -18.55 22.83 7.88
N GLU A 168 -19.80 23.15 8.20
CA GLU A 168 -20.14 24.52 8.60
C GLU A 168 -19.38 24.92 9.86
N LYS A 169 -19.28 24.02 10.83
CA LYS A 169 -18.56 24.34 12.07
C LYS A 169 -17.07 24.48 11.82
N MET A 170 -16.49 23.59 11.00
CA MET A 170 -15.06 23.64 10.74
C MET A 170 -14.68 24.88 9.95
N ASN A 171 -15.53 25.28 9.00
CA ASN A 171 -15.17 26.37 8.09
C ASN A 171 -15.14 27.72 8.80
N LYS A 172 -15.90 27.87 9.89
CA LYS A 172 -16.03 29.16 10.57
C LYS A 172 -15.16 29.27 11.82
N ILE A 173 -14.12 28.43 11.93
CA ILE A 173 -13.22 28.50 13.07
C ILE A 173 -12.18 29.57 12.82
N THR A 174 -12.01 30.48 13.79
CA THR A 174 -11.01 31.53 13.72
C THR A 174 -9.79 31.13 14.54
N ASP A 175 -8.75 31.96 14.49
CA ASP A 175 -7.49 31.61 15.11
C ASP A 175 -7.45 31.86 16.62
N ASN A 176 -8.55 32.30 17.22
CA ASN A 176 -8.63 32.32 18.68
C ASN A 176 -8.85 30.94 19.27
N ILE A 177 -8.93 29.91 18.42
CA ILE A 177 -8.84 28.53 18.90
C ILE A 177 -7.52 28.29 19.59
N ILE A 178 -6.53 29.17 19.39
CA ILE A 178 -5.23 29.04 20.04
C ILE A 178 -5.37 29.01 21.56
N TYR A 179 -6.41 29.65 22.09
CA TYR A 179 -6.57 29.71 23.54
C TYR A 179 -7.09 28.41 24.14
N ALA A 180 -7.53 27.46 23.31
CA ALA A 180 -7.87 26.12 23.76
C ALA A 180 -6.70 25.15 23.63
N ALA A 181 -5.54 25.62 23.18
CA ALA A 181 -4.38 24.73 23.07
C ALA A 181 -3.91 24.20 24.42
N PRO A 182 -3.88 24.98 25.51
CA PRO A 182 -3.48 24.38 26.80
C PRO A 182 -4.37 23.21 27.22
N ASP A 183 -5.68 23.30 26.98
CA ASP A 183 -6.57 22.21 27.38
C ASP A 183 -6.24 20.94 26.60
N MET A 184 -5.90 21.08 25.32
CA MET A 184 -5.55 19.90 24.52
C MET A 184 -4.22 19.31 24.94
N VAL A 185 -3.22 20.17 25.17
CA VAL A 185 -1.92 19.70 25.63
C VAL A 185 -2.06 18.94 26.95
N ASN A 186 -2.88 19.47 27.86
CA ASN A 186 -3.08 18.79 29.13
C ASN A 186 -3.74 17.43 28.92
N LYS A 187 -4.76 17.37 28.08
CA LYS A 187 -5.47 16.11 27.87
C LYS A 187 -4.56 15.07 27.23
N ILE A 188 -3.69 15.50 26.32
CA ILE A 188 -2.76 14.57 25.67
C ILE A 188 -1.71 14.08 26.66
N CYS A 189 -1.22 14.96 27.52
CA CYS A 189 -0.12 14.62 28.41
C CYS A 189 -0.57 13.98 29.72
N GLU A 190 -1.64 14.50 30.33
CA GLU A 190 -2.05 14.07 31.66
C GLU A 190 -3.22 13.11 31.67
N GLY A 191 -3.96 13.00 30.56
CA GLY A 191 -5.06 12.04 30.51
C GLY A 191 -4.55 10.62 30.67
N ASP A 192 -5.29 9.82 31.44
CA ASP A 192 -4.93 8.43 31.64
C ASP A 192 -5.00 7.67 30.32
N GLY A 193 -4.12 6.70 30.17
CA GLY A 193 -4.11 5.92 28.95
C GLY A 193 -3.26 4.67 29.09
N LEU A 194 -3.22 3.91 28.01
CA LEU A 194 -2.42 2.71 27.91
C LEU A 194 -1.22 2.96 27.02
N PHE A 195 -0.07 2.40 27.41
CA PHE A 195 1.15 2.51 26.63
C PHE A 195 1.43 1.20 25.90
N TYR A 196 1.81 1.32 24.63
CA TYR A 196 2.17 0.19 23.79
C TYR A 196 3.61 0.36 23.36
N HIS A 197 4.37 -0.73 23.39
CA HIS A 197 5.81 -0.69 23.13
C HIS A 197 6.17 -1.89 22.27
N ILE A 198 6.55 -1.65 21.03
CA ILE A 198 6.96 -2.71 20.11
C ILE A 198 8.49 -2.72 20.07
N ASN A 199 9.08 -3.86 20.42
CA ASN A 199 10.52 -4.01 20.31
C ASN A 199 10.88 -5.49 20.24
N ASP A 200 11.97 -5.78 19.54
CA ASP A 200 12.67 -7.06 19.61
C ASP A 200 11.71 -8.25 19.52
N GLY A 201 10.80 -8.18 18.55
CA GLY A 201 9.87 -9.27 18.34
C GLY A 201 8.81 -9.45 19.41
N ALA A 202 8.37 -8.37 20.04
CA ALA A 202 7.31 -8.45 21.04
C ALA A 202 6.57 -7.12 21.12
N ILE A 203 5.33 -7.19 21.57
CA ILE A 203 4.53 -6.01 21.90
C ILE A 203 4.32 -5.99 23.40
N HIS A 204 4.44 -4.81 24.00
CA HIS A 204 4.26 -4.61 25.43
C HIS A 204 3.10 -3.66 25.66
N ILE A 205 2.18 -4.05 26.53
CA ILE A 205 1.04 -3.23 26.91
C ILE A 205 1.13 -2.98 28.41
N SER A 206 0.82 -1.75 28.82
CA SER A 206 1.03 -1.34 30.19
C SER A 206 -0.06 -1.80 31.15
N ASN A 207 -1.20 -2.25 30.64
CA ASN A 207 -2.30 -2.64 31.51
C ASN A 207 -3.38 -3.31 30.66
N ILE A 208 -4.30 -4.00 31.34
CA ILE A 208 -5.47 -4.59 30.70
C ILE A 208 -6.66 -3.68 30.96
N LYS A 209 -7.16 -3.06 29.90
CA LYS A 209 -8.42 -2.32 29.94
C LYS A 209 -9.05 -2.44 28.58
N ASP A 210 -10.13 -3.23 28.47
CA ASP A 210 -10.84 -3.39 27.21
C ASP A 210 -11.89 -2.30 27.12
N PHE A 211 -11.54 -1.19 26.46
CA PHE A 211 -12.47 -0.08 26.32
C PHE A 211 -13.73 -0.54 25.63
N ASN A 212 -14.86 -0.40 26.31
CA ASN A 212 -16.11 -0.96 25.80
C ASN A 212 -16.55 -0.22 24.55
N TYR A 213 -16.87 -0.99 23.51
CA TYR A 213 -17.34 -0.41 22.26
C TYR A 213 -18.73 0.17 22.43
N TYR A 214 -19.08 1.07 21.52
CA TYR A 214 -20.46 1.55 21.39
C TYR A 214 -20.87 1.49 19.94
N ILE A 215 -22.03 0.90 19.68
CA ILE A 215 -22.58 0.77 18.34
C ILE A 215 -23.94 1.45 18.34
N PRO A 216 -24.19 2.41 17.46
CA PRO A 216 -25.49 3.10 17.47
C PRO A 216 -26.63 2.16 17.09
N ALA A 217 -27.74 2.29 17.81
CA ALA A 217 -28.93 1.51 17.52
C ALA A 217 -29.70 2.16 16.37
N VAL A 218 -30.31 1.32 15.54
CA VAL A 218 -31.06 1.81 14.38
C VAL A 218 -32.42 2.32 14.85
N ILE A 219 -32.85 3.44 14.27
CA ILE A 219 -34.15 4.04 14.56
C ILE A 219 -35.04 4.08 13.33
N ASN A 220 -34.51 4.58 12.21
CA ASN A 220 -35.26 4.67 10.96
C ASN A 220 -35.01 3.42 10.11
N GLU A 221 -35.65 2.33 10.54
CA GLU A 221 -35.52 1.07 9.83
C GLU A 221 -36.30 1.13 8.52
N GLY A 222 -35.70 0.61 7.45
CA GLY A 222 -36.33 0.60 6.14
C GLY A 222 -36.31 1.95 5.47
N VAL A 223 -35.23 2.28 4.77
CA VAL A 223 -35.00 3.60 4.21
C VAL A 223 -34.82 3.49 2.70
N GLU A 224 -35.57 4.31 1.95
CA GLU A 224 -35.37 4.48 0.52
C GLU A 224 -35.02 5.94 0.27
N ASP A 225 -33.92 6.16 -0.44
CA ASP A 225 -33.40 7.50 -0.70
C ASP A 225 -33.44 7.77 -2.19
N ILE A 226 -34.48 8.48 -2.63
CA ILE A 226 -34.63 8.85 -4.03
C ILE A 226 -33.79 10.09 -4.33
N ARG A 227 -33.11 10.09 -5.46
CA ARG A 227 -32.32 11.23 -5.90
C ARG A 227 -32.50 11.44 -7.40
N THR A 228 -32.30 12.68 -7.84
CA THR A 228 -32.48 13.06 -9.23
C THR A 228 -31.25 13.85 -9.69
N ASP A 229 -30.52 13.28 -10.64
CA ASP A 229 -29.30 13.86 -11.19
C ASP A 229 -28.85 12.99 -12.35
N PHE A 230 -28.48 13.60 -13.48
CA PHE A 230 -28.16 12.85 -14.69
C PHE A 230 -26.66 12.68 -14.87
N SER A 231 -26.22 11.43 -15.02
CA SER A 231 -24.84 11.06 -15.33
C SER A 231 -23.79 11.84 -14.56
N SER A 235 -25.50 5.88 -13.18
CA SER A 235 -26.37 5.77 -12.01
C SER A 235 -25.70 4.91 -10.92
N ILE A 236 -26.19 5.06 -9.68
CA ILE A 236 -25.58 4.44 -8.51
C ILE A 236 -26.69 3.88 -7.62
N LEU A 237 -26.39 2.75 -6.96
CA LEU A 237 -27.29 2.12 -6.02
C LEU A 237 -26.51 1.61 -4.82
N THR A 238 -27.03 1.84 -3.63
CA THR A 238 -26.39 1.41 -2.38
C THR A 238 -27.44 0.79 -1.47
N CYS A 239 -27.17 -0.44 -1.01
CA CYS A 239 -28.04 -1.15 -0.07
C CYS A 239 -27.29 -1.42 1.22
N ALA A 240 -28.01 -1.38 2.34
CA ALA A 240 -27.43 -1.60 3.66
C ALA A 240 -28.20 -2.67 4.41
N TYR A 241 -27.45 -3.53 5.11
CA TYR A 241 -28.00 -4.54 5.99
C TYR A 241 -27.32 -4.42 7.34
N THR A 242 -28.01 -4.87 8.39
CA THR A 242 -27.45 -4.91 9.73
C THR A 242 -27.56 -6.33 10.28
N PHE A 243 -26.90 -6.55 11.41
CA PHE A 243 -26.88 -7.86 12.06
C PHE A 243 -27.26 -7.70 13.52
N GLU A 244 -28.06 -8.64 14.01
CA GLU A 244 -28.51 -8.64 15.38
C GLU A 244 -27.65 -9.58 16.22
N HIS A 245 -27.51 -9.27 17.50
CA HIS A 245 -26.70 -10.07 18.42
C HIS A 245 -25.26 -10.23 17.94
N VAL A 246 -24.68 -9.13 17.44
CA VAL A 246 -23.32 -9.17 16.92
C VAL A 246 -22.35 -9.44 18.06
N THR A 247 -21.57 -10.51 17.94
CA THR A 247 -20.51 -10.82 18.88
C THR A 247 -19.18 -10.28 18.37
N ASP A 248 -18.18 -10.26 19.27
CA ASP A 248 -16.84 -9.85 18.86
C ASP A 248 -16.32 -10.73 17.74
N LEU A 249 -16.58 -12.05 17.82
CA LEU A 249 -16.16 -12.96 16.77
C LEU A 249 -16.79 -12.59 15.43
N GLU A 250 -18.06 -12.15 15.46
CA GLU A 250 -18.75 -11.83 14.22
C GLU A 250 -18.28 -10.50 13.64
N ARG A 251 -18.21 -9.45 14.46
CA ARG A 251 -17.83 -8.15 13.96
C ARG A 251 -16.37 -8.11 13.51
N GLU A 252 -15.50 -8.89 14.15
CA GLU A 252 -14.08 -8.83 13.83
C GLU A 252 -13.65 -9.86 12.80
N ILE A 253 -14.35 -10.99 12.69
CA ILE A 253 -13.88 -12.08 11.85
C ILE A 253 -14.96 -12.55 10.89
N LEU A 254 -16.09 -13.02 11.43
CA LEU A 254 -17.10 -13.68 10.61
C LEU A 254 -17.70 -12.75 9.57
N ILE A 255 -18.19 -11.59 10.00
CA ILE A 255 -18.82 -10.65 9.05
C ILE A 255 -17.81 -10.13 8.04
N PRO A 256 -16.59 -9.72 8.42
CA PRO A 256 -15.59 -9.41 7.38
C PRO A 256 -15.36 -10.56 6.41
N MET A 257 -15.32 -11.81 6.91
CA MET A 257 -15.25 -12.97 6.03
C MET A 257 -16.48 -13.06 5.14
N PHE A 258 -17.67 -12.84 5.71
CA PHE A 258 -18.90 -12.90 4.94
C PHE A 258 -18.92 -11.82 3.86
N ASP A 259 -18.46 -10.62 4.20
CA ASP A 259 -18.37 -9.55 3.22
C ASP A 259 -17.45 -9.94 2.07
N GLY A 260 -16.28 -10.50 2.40
CA GLY A 260 -15.40 -10.98 1.34
C GLY A 260 -15.99 -12.14 0.58
N TYR A 261 -16.73 -13.02 1.27
CA TYR A 261 -17.37 -14.15 0.60
C TYR A 261 -18.28 -13.69 -0.53
N ILE A 262 -19.07 -12.66 -0.27
CA ILE A 262 -20.11 -12.22 -1.19
C ILE A 262 -19.70 -10.99 -1.98
N GLY A 263 -18.53 -10.42 -1.70
CA GLY A 263 -18.20 -9.12 -2.26
C GLY A 263 -16.97 -9.01 -3.12
N LYS A 264 -15.84 -9.56 -2.66
CA LYS A 264 -14.58 -9.35 -3.36
C LYS A 264 -13.76 -10.61 -3.61
N TYR A 265 -13.99 -11.70 -2.88
CA TYR A 265 -13.19 -12.90 -3.08
C TYR A 265 -13.49 -13.53 -4.43
N GLY A 266 -12.82 -13.04 -5.48
CA GLY A 266 -12.91 -13.58 -6.82
C GLY A 266 -14.33 -13.68 -7.34
N HIS A 267 -14.80 -14.91 -7.58
CA HIS A 267 -16.17 -15.15 -8.02
C HIS A 267 -17.11 -15.05 -6.81
N SER A 268 -17.25 -13.83 -6.31
CA SER A 268 -18.15 -13.59 -5.20
C SER A 268 -19.59 -13.83 -5.65
N VAL A 269 -20.49 -13.93 -4.66
CA VAL A 269 -21.89 -14.23 -4.96
C VAL A 269 -22.51 -13.15 -5.83
N LEU A 270 -22.14 -11.89 -5.58
CA LEU A 270 -22.75 -10.78 -6.29
C LEU A 270 -22.22 -10.65 -7.71
N PHE A 271 -20.91 -10.79 -7.91
CA PHE A 271 -20.35 -10.73 -9.26
C PHE A 271 -20.96 -11.80 -10.15
N LYS A 272 -21.08 -13.03 -9.63
CA LYS A 272 -21.70 -14.10 -10.39
C LYS A 272 -23.17 -13.82 -10.64
N THR A 273 -23.88 -13.30 -9.63
CA THR A 273 -25.30 -13.01 -9.78
C THR A 273 -25.55 -11.88 -10.77
N LEU A 274 -24.75 -10.81 -10.70
CA LEU A 274 -24.99 -9.66 -11.56
C LEU A 274 -24.36 -9.80 -12.94
N ARG A 275 -23.44 -10.76 -13.13
CA ARG A 275 -22.93 -11.02 -14.47
C ARG A 275 -24.03 -11.50 -15.42
N LEU A 276 -25.13 -12.06 -14.87
CA LEU A 276 -26.26 -12.43 -15.71
C LEU A 276 -26.80 -11.24 -16.48
N VAL A 277 -26.94 -10.09 -15.82
CA VAL A 277 -27.41 -8.88 -16.50
C VAL A 277 -26.29 -8.33 -17.38
N ASP A 278 -25.17 -7.98 -16.77
CA ASP A 278 -23.97 -7.49 -17.48
C ASP A 278 -24.28 -6.28 -18.35
N HIS A 283 -17.81 -3.57 -11.58
CA HIS A 283 -18.17 -2.31 -10.93
C HIS A 283 -19.06 -2.54 -9.72
N ILE A 284 -18.80 -3.63 -9.00
CA ILE A 284 -19.52 -3.99 -7.79
C ILE A 284 -18.59 -3.82 -6.60
N SER A 285 -19.13 -3.32 -5.48
CA SER A 285 -18.37 -3.17 -4.26
C SER A 285 -19.27 -3.43 -3.06
N SER A 286 -18.68 -3.98 -2.00
CA SER A 286 -19.37 -4.19 -0.75
C SER A 286 -18.38 -3.97 0.39
N HIS A 287 -18.89 -3.56 1.54
CA HIS A 287 -18.03 -3.24 2.67
C HIS A 287 -18.84 -3.32 3.95
N TYR A 288 -18.26 -3.94 4.98
CA TYR A 288 -18.89 -4.00 6.29
C TYR A 288 -18.26 -2.92 7.18
N ASP A 289 -19.11 -2.00 7.63
CA ASP A 289 -18.65 -0.90 8.49
C ASP A 289 -18.78 -1.35 9.93
N GLN A 290 -17.65 -1.68 10.56
CA GLN A 290 -17.68 -2.17 11.93
C GLN A 290 -18.13 -1.09 12.90
N GLU A 291 -17.91 0.18 12.58
CA GLU A 291 -18.34 1.27 13.46
C GLU A 291 -19.86 1.29 13.60
N SER A 292 -20.57 1.09 12.50
CA SER A 292 -22.03 1.20 12.49
C SER A 292 -22.73 -0.15 12.39
N ASN A 293 -21.99 -1.25 12.30
CA ASN A 293 -22.56 -2.59 12.14
C ASN A 293 -23.51 -2.64 10.94
N LEU A 294 -23.01 -2.17 9.80
CA LEU A 294 -23.77 -2.14 8.56
C LEU A 294 -22.96 -2.72 7.43
N LEU A 295 -23.61 -3.54 6.62
CA LEU A 295 -23.02 -4.09 5.41
C LEU A 295 -23.60 -3.37 4.20
N PHE A 296 -22.75 -2.65 3.48
CA PHE A 296 -23.17 -1.88 2.32
C PHE A 296 -22.84 -2.64 1.04
N ILE A 297 -23.64 -2.39 0.00
CA ILE A 297 -23.45 -2.99 -1.32
C ILE A 297 -23.76 -1.93 -2.37
N THR A 298 -22.74 -1.48 -3.09
CA THR A 298 -22.87 -0.43 -4.10
C THR A 298 -22.45 -0.95 -5.46
N VAL A 299 -23.13 -0.50 -6.51
CA VAL A 299 -22.83 -0.91 -7.87
C VAL A 299 -23.27 0.19 -8.83
N LEU A 300 -22.45 0.42 -9.86
CA LEU A 300 -22.79 1.32 -10.94
C LEU A 300 -23.60 0.58 -11.99
N CYS A 301 -24.67 1.22 -12.48
CA CYS A 301 -25.57 0.59 -13.43
C CYS A 301 -26.33 1.68 -14.18
N SER A 302 -27.20 1.25 -15.09
CA SER A 302 -28.10 2.12 -15.82
C SER A 302 -29.46 2.15 -15.15
N LYS A 303 -30.22 3.23 -15.41
CA LYS A 303 -31.55 3.33 -14.86
C LYS A 303 -32.47 2.23 -15.38
N ASN A 304 -32.23 1.75 -16.61
CA ASN A 304 -32.97 0.61 -17.13
C ASN A 304 -32.59 -0.69 -16.44
N GLN A 305 -31.40 -0.76 -15.86
CA GLN A 305 -30.97 -1.90 -15.07
C GLN A 305 -31.22 -1.71 -13.57
N LEU A 306 -31.75 -0.56 -13.17
CA LEU A 306 -31.84 -0.22 -11.74
C LEU A 306 -32.81 -1.14 -11.02
N SER A 307 -34.09 -1.12 -11.42
CA SER A 307 -35.11 -1.90 -10.71
C SER A 307 -34.79 -3.39 -10.74
N THR A 308 -34.26 -3.88 -11.87
CA THR A 308 -33.93 -5.29 -11.98
C THR A 308 -32.80 -5.68 -11.02
N ILE A 309 -31.73 -4.89 -10.99
CA ILE A 309 -30.58 -5.22 -10.15
C ILE A 309 -30.95 -5.12 -8.67
N LEU A 310 -31.80 -4.16 -8.31
CA LEU A 310 -32.24 -4.06 -6.92
C LEU A 310 -32.95 -5.33 -6.48
N THR A 311 -33.98 -5.75 -7.22
CA THR A 311 -34.67 -6.98 -6.88
C THR A 311 -33.76 -8.19 -6.99
N LYS A 312 -32.80 -8.16 -7.93
CA LYS A 312 -31.88 -9.28 -8.09
C LYS A 312 -30.92 -9.37 -6.92
N ILE A 313 -30.39 -8.24 -6.46
CA ILE A 313 -29.48 -8.26 -5.30
C ILE A 313 -30.22 -8.70 -4.05
N GLN A 314 -31.42 -8.15 -3.84
CA GLN A 314 -32.19 -8.48 -2.63
C GLN A 314 -32.48 -9.98 -2.56
N HIS A 315 -32.98 -10.54 -3.66
CA HIS A 315 -33.34 -11.96 -3.65
C HIS A 315 -32.12 -12.84 -3.44
N THR A 316 -30.98 -12.44 -3.97
CA THR A 316 -29.75 -13.24 -3.81
C THR A 316 -29.33 -13.29 -2.36
N ILE A 317 -29.34 -12.14 -1.68
CA ILE A 317 -28.96 -12.10 -0.26
C ILE A 317 -29.96 -12.90 0.58
N GLU A 318 -31.24 -12.79 0.26
CA GLU A 318 -32.28 -13.47 1.04
C GLU A 318 -32.09 -14.98 0.99
N SER A 319 -31.83 -15.52 -0.20
CA SER A 319 -31.69 -16.96 -0.40
C SER A 319 -30.24 -17.41 -0.44
N ILE A 320 -29.37 -16.76 0.32
CA ILE A 320 -27.94 -17.06 0.25
C ILE A 320 -27.66 -18.37 0.97
N GLU A 321 -26.75 -19.16 0.39
CA GLU A 321 -26.30 -20.41 0.97
C GLU A 321 -24.79 -20.43 0.96
N PHE A 322 -24.22 -21.33 1.75
CA PHE A 322 -22.78 -21.46 1.87
C PHE A 322 -22.38 -22.90 1.61
N ASP A 323 -21.06 -23.15 1.56
CA ASP A 323 -20.55 -24.50 1.49
C ASP A 323 -19.14 -24.51 2.09
N SER A 324 -18.75 -25.66 2.63
CA SER A 324 -17.55 -25.70 3.47
C SER A 324 -16.27 -25.54 2.65
N VAL A 325 -16.26 -26.00 1.41
CA VAL A 325 -15.07 -25.83 0.57
C VAL A 325 -14.82 -24.35 0.32
N SER A 326 -15.84 -23.61 -0.12
CA SER A 326 -15.67 -22.18 -0.33
C SER A 326 -15.51 -21.43 0.98
N PHE A 327 -16.06 -21.96 2.06
CA PHE A 327 -15.86 -21.37 3.38
C PHE A 327 -14.42 -21.53 3.84
N SER A 328 -13.83 -22.71 3.61
CA SER A 328 -12.41 -22.89 3.91
C SER A 328 -11.54 -21.93 3.12
N LEU A 329 -11.95 -21.58 1.89
CA LEU A 329 -11.15 -20.64 1.12
C LEU A 329 -11.25 -19.23 1.69
N SER A 330 -12.45 -18.83 2.12
CA SER A 330 -12.61 -17.51 2.75
C SER A 330 -11.77 -17.40 4.01
N LYS A 331 -11.68 -18.49 4.79
CA LYS A 331 -10.85 -18.49 5.99
C LYS A 331 -9.38 -18.31 5.62
N VAL A 332 -8.92 -18.99 4.57
CA VAL A 332 -7.54 -18.84 4.14
C VAL A 332 -7.30 -17.42 3.63
N MET A 333 -8.22 -16.91 2.80
CA MET A 333 -8.07 -15.56 2.27
C MET A 333 -8.05 -14.52 3.38
N PHE A 334 -9.02 -14.60 4.30
CA PHE A 334 -9.10 -13.58 5.34
C PHE A 334 -7.91 -13.66 6.30
N GLU A 335 -7.38 -14.86 6.54
CA GLU A 335 -6.16 -14.98 7.33
C GLU A 335 -4.99 -14.26 6.65
N ASN A 336 -4.83 -14.48 5.34
CA ASN A 336 -3.75 -13.83 4.62
C ASN A 336 -3.92 -12.32 4.57
N GLU A 337 -5.17 -11.84 4.48
CA GLU A 337 -5.40 -10.40 4.53
C GLU A 337 -5.03 -9.84 5.89
N SER A 338 -5.35 -10.58 6.96
CA SER A 338 -4.93 -10.17 8.29
C SER A 338 -3.41 -10.21 8.43
N ARG A 339 -2.78 -11.24 7.87
CA ARG A 339 -1.32 -11.34 7.89
C ARG A 339 -0.67 -10.16 7.17
N PHE A 340 -1.26 -9.72 6.05
CA PHE A 340 -0.71 -8.57 5.34
C PHE A 340 -0.79 -7.32 6.21
N ARG A 341 -1.88 -7.16 6.96
CA ARG A 341 -2.00 -6.02 7.87
C ARG A 341 -1.00 -6.14 9.02
N PHE A 342 -0.77 -7.35 9.52
CA PHE A 342 0.22 -7.53 10.58
C PHE A 342 1.63 -7.25 10.06
N GLU A 343 1.87 -7.47 8.76
CA GLU A 343 3.16 -7.16 8.16
C GLU A 343 3.56 -5.72 8.41
N ASP A 344 2.60 -4.81 8.35
CA ASP A 344 2.87 -3.40 8.58
C ASP A 344 2.89 -3.12 10.08
N ILE A 345 3.95 -2.48 10.55
CA ILE A 345 4.10 -2.23 11.98
C ILE A 345 2.97 -1.33 12.48
N ASN A 346 2.38 -0.53 11.60
CA ASN A 346 1.24 0.31 11.98
C ASN A 346 -0.05 -0.50 11.99
N GLY A 347 -0.20 -1.43 11.05
CA GLY A 347 -1.34 -2.32 11.09
C GLY A 347 -1.33 -3.23 12.31
N LEU A 348 -0.14 -3.70 12.69
CA LEU A 348 -0.02 -4.49 13.92
C LEU A 348 -0.38 -3.66 15.14
N LEU A 349 0.19 -2.45 15.24
CA LEU A 349 -0.12 -1.58 16.37
C LEU A 349 -1.60 -1.25 16.44
N SER A 350 -2.19 -0.88 15.31
CA SER A 350 -3.62 -0.59 15.28
C SER A 350 -4.43 -1.80 15.72
N HIS A 351 -4.02 -3.00 15.31
CA HIS A 351 -4.72 -4.21 15.71
C HIS A 351 -4.67 -4.42 17.21
N VAL A 352 -3.48 -4.30 17.80
CA VAL A 352 -3.32 -4.56 19.23
C VAL A 352 -4.05 -3.49 20.05
N ILE A 353 -4.14 -2.27 19.52
CA ILE A 353 -4.90 -1.22 20.21
C ILE A 353 -6.39 -1.56 20.23
N LYS A 354 -6.95 -1.91 19.06
CA LYS A 354 -8.40 -2.01 18.91
C LYS A 354 -8.98 -3.32 19.45
N GLN A 355 -8.27 -4.43 19.29
CA GLN A 355 -8.87 -5.72 19.61
C GLN A 355 -9.01 -5.91 21.13
N HIS A 356 -9.94 -6.77 21.50
CA HIS A 356 -10.29 -7.02 22.90
C HIS A 356 -9.69 -8.34 23.39
N GLY A 357 -9.16 -8.31 24.61
CA GLY A 357 -8.73 -9.54 25.25
C GLY A 357 -7.67 -10.28 24.47
N GLU A 358 -7.94 -11.56 24.20
CA GLU A 358 -6.95 -12.42 23.55
C GLU A 358 -6.80 -12.11 22.07
N TYR A 359 -7.79 -11.49 21.45
CA TYR A 359 -7.64 -11.08 20.05
C TYR A 359 -6.48 -10.11 19.86
N LYS A 360 -6.02 -9.46 20.93
CA LYS A 360 -4.88 -8.55 20.81
C LYS A 360 -3.64 -9.29 20.28
N ASN A 361 -3.43 -10.52 20.72
CA ASN A 361 -2.35 -11.32 20.17
C ASN A 361 -2.69 -11.69 18.73
N PRO A 362 -1.88 -11.31 17.74
CA PRO A 362 -2.18 -11.69 16.35
C PRO A 362 -2.26 -13.19 16.14
N GLU A 363 -1.45 -13.96 16.87
CA GLU A 363 -1.51 -15.42 16.73
C GLU A 363 -2.87 -15.95 17.18
N SER A 364 -3.40 -15.42 18.29
CA SER A 364 -4.72 -15.84 18.75
C SER A 364 -5.81 -15.39 17.78
N PHE A 365 -5.66 -14.18 17.22
CA PHE A 365 -6.61 -13.71 16.22
C PHE A 365 -6.61 -14.60 14.99
N LEU A 366 -5.42 -14.99 14.52
CA LEU A 366 -5.32 -15.88 13.37
C LEU A 366 -5.85 -17.26 13.71
N LYS A 367 -5.53 -17.77 14.90
CA LYS A 367 -6.08 -19.05 15.34
C LYS A 367 -7.60 -18.99 15.42
N ALA A 368 -8.16 -17.85 15.84
CA ALA A 368 -9.62 -17.74 15.89
C ALA A 368 -10.23 -17.77 14.49
N ILE A 369 -9.52 -17.26 13.50
CA ILE A 369 -9.99 -17.36 12.11
C ILE A 369 -10.01 -18.81 11.66
N GLN A 370 -8.96 -19.56 12.00
CA GLN A 370 -8.85 -20.95 11.57
C GLN A 370 -9.89 -21.83 12.24
N ASN A 371 -10.45 -21.40 13.37
CA ASN A 371 -11.38 -22.22 14.13
C ASN A 371 -12.85 -21.92 13.83
N THR A 372 -13.13 -20.94 12.98
CA THR A 372 -14.51 -20.69 12.58
C THR A 372 -15.05 -21.88 11.79
N ASP A 373 -16.36 -22.08 11.89
CA ASP A 373 -17.02 -23.15 11.16
C ASP A 373 -18.23 -22.58 10.41
N ILE A 374 -18.74 -23.36 9.46
CA ILE A 374 -19.80 -22.84 8.59
C ILE A 374 -21.09 -22.62 9.36
N ALA A 375 -21.27 -23.26 10.52
CA ALA A 375 -22.45 -23.02 11.33
C ALA A 375 -22.52 -21.57 11.79
N ASP A 376 -21.38 -20.90 11.87
CA ASP A 376 -21.37 -19.48 12.24
C ASP A 376 -22.02 -18.62 11.15
N PHE A 377 -21.82 -18.98 9.89
CA PHE A 377 -22.42 -18.20 8.80
C PHE A 377 -23.93 -18.31 8.81
N TYR A 378 -24.48 -19.46 9.23
CA TYR A 378 -25.94 -19.61 9.25
C TYR A 378 -26.58 -18.88 10.42
N ARG A 379 -25.87 -18.74 11.55
CA ARG A 379 -26.33 -17.84 12.59
C ARG A 379 -26.36 -16.40 12.08
N LEU A 380 -25.29 -16.00 11.38
CA LEU A 380 -25.20 -14.65 10.85
C LEU A 380 -26.28 -14.37 9.81
N LYS A 381 -26.64 -15.38 9.01
CA LYS A 381 -27.69 -15.19 8.01
C LYS A 381 -29.04 -14.98 8.65
N ALA A 382 -29.34 -15.70 9.74
CA ALA A 382 -30.61 -15.52 10.42
C ALA A 382 -30.71 -14.15 11.09
N ASN A 383 -29.60 -13.60 11.57
CA ASN A 383 -29.57 -12.30 12.21
C ASN A 383 -29.41 -11.15 11.22
N MET A 384 -29.35 -11.44 9.93
CA MET A 384 -29.20 -10.41 8.91
C MET A 384 -30.55 -9.84 8.52
N ARG A 385 -30.57 -8.54 8.19
CA ARG A 385 -31.82 -7.87 7.84
C ARG A 385 -31.52 -6.60 7.06
N TRP A 386 -32.24 -6.42 5.96
CA TRP A 386 -32.11 -5.20 5.15
C TRP A 386 -32.67 -4.00 5.91
N VAL A 387 -32.07 -2.84 5.69
CA VAL A 387 -32.49 -1.64 6.41
C VAL A 387 -32.49 -0.39 5.53
N GLY A 388 -31.80 -0.41 4.40
CA GLY A 388 -31.67 0.83 3.65
C GLY A 388 -31.33 0.66 2.19
N THR A 389 -31.53 1.75 1.44
CA THR A 389 -31.28 1.80 0.01
C THR A 389 -31.14 3.26 -0.42
N SER A 390 -30.15 3.54 -1.28
CA SER A 390 -29.97 4.86 -1.87
C SER A 390 -29.65 4.72 -3.36
N ILE A 391 -30.26 5.58 -4.17
CA ILE A 391 -30.10 5.55 -5.61
C ILE A 391 -29.82 6.96 -6.11
N VAL A 392 -28.96 7.07 -7.12
CA VAL A 392 -28.73 8.34 -7.80
C VAL A 392 -28.99 8.19 -9.29
N LEU B 2 25.01 4.32 8.13
CA LEU B 2 25.56 5.09 9.24
C LEU B 2 26.11 4.15 10.31
N ASN B 3 25.25 3.71 11.23
CA ASN B 3 25.67 2.74 12.24
C ASN B 3 25.99 1.42 11.55
N LYS B 4 27.22 0.95 11.71
CA LYS B 4 27.70 -0.20 10.94
C LYS B 4 26.97 -1.48 11.29
N SER B 5 26.57 -1.65 12.56
CA SER B 5 25.95 -2.90 12.98
C SER B 5 24.57 -3.10 12.35
N PHE B 6 23.88 -2.01 12.03
CA PHE B 6 22.58 -2.14 11.36
C PHE B 6 22.75 -2.57 9.91
N VAL B 7 23.66 -1.91 9.19
CA VAL B 7 23.98 -2.34 7.83
C VAL B 7 24.46 -3.77 7.83
N LYS B 8 25.28 -4.14 8.81
CA LYS B 8 25.72 -5.53 8.93
C LYS B 8 24.53 -6.44 9.25
N LYS B 9 23.59 -5.98 10.06
CA LYS B 9 22.39 -6.77 10.35
C LYS B 9 21.60 -7.05 9.07
N LEU B 10 21.36 -6.03 8.26
CA LEU B 10 20.59 -6.22 7.04
C LEU B 10 21.30 -7.16 6.07
N ASP B 11 22.63 -7.02 5.97
CA ASP B 11 23.36 -7.79 4.96
C ASP B 11 23.42 -9.28 5.30
N GLU B 12 23.41 -9.64 6.59
CA GLU B 12 23.47 -11.05 6.92
C GLU B 12 22.16 -11.77 6.55
N SER B 13 21.06 -11.03 6.38
CA SER B 13 19.81 -11.62 5.92
C SER B 13 19.69 -11.62 4.40
N LEU B 14 20.53 -10.87 3.70
CA LEU B 14 20.45 -10.69 2.26
C LEU B 14 21.47 -11.58 1.55
N ASN B 15 21.03 -12.26 0.51
CA ASN B 15 21.93 -13.12 -0.26
C ASN B 15 21.37 -13.29 -1.67
N ARG B 16 22.24 -13.71 -2.58
CA ARG B 16 21.85 -14.04 -3.94
C ARG B 16 22.72 -15.17 -4.45
N LYS B 17 22.09 -16.17 -5.07
CA LYS B 17 22.81 -17.33 -5.56
C LYS B 17 22.14 -17.86 -6.82
N GLN B 18 22.91 -18.56 -7.63
CA GLN B 18 22.36 -19.26 -8.77
C GLN B 18 21.60 -20.51 -8.32
N VAL B 19 20.41 -20.70 -8.88
CA VAL B 19 19.60 -21.89 -8.63
C VAL B 19 19.22 -22.44 -9.99
N GLY B 20 19.74 -23.62 -10.33
CA GLY B 20 19.58 -24.11 -11.69
C GLY B 20 20.23 -23.14 -12.66
N SER B 21 19.46 -22.67 -13.62
CA SER B 21 19.96 -21.72 -14.62
C SER B 21 19.40 -20.32 -14.42
N THR B 22 18.81 -20.05 -13.26
CA THR B 22 18.36 -18.71 -12.89
C THR B 22 19.08 -18.28 -11.61
N ASN B 23 18.69 -17.12 -11.08
CA ASN B 23 19.26 -16.56 -9.87
C ASN B 23 18.16 -16.16 -8.91
N VAL B 24 18.38 -16.40 -7.62
CA VAL B 24 17.41 -16.13 -6.57
C VAL B 24 18.03 -15.14 -5.59
N THR B 25 17.39 -13.98 -5.43
CA THR B 25 17.75 -13.05 -4.39
C THR B 25 16.87 -13.30 -3.16
N ARG B 26 17.50 -13.48 -2.01
CA ARG B 26 16.84 -13.92 -0.78
C ARG B 26 17.05 -12.87 0.30
N TYR B 27 15.98 -12.32 0.84
CA TYR B 27 16.04 -11.53 2.06
C TYR B 27 15.15 -12.19 3.11
N LYS B 28 15.77 -12.74 4.15
CA LYS B 28 15.05 -13.46 5.19
C LYS B 28 14.59 -12.49 6.28
N ILE B 29 13.33 -12.66 6.72
CA ILE B 29 12.78 -11.88 7.82
C ILE B 29 12.22 -12.86 8.84
N GLU B 30 12.77 -12.82 10.05
CA GLU B 30 12.35 -13.74 11.09
C GLU B 30 10.94 -13.37 11.58
N ASP B 31 10.06 -14.37 11.59
CA ASP B 31 8.70 -14.23 12.09
C ASP B 31 7.86 -13.26 11.26
N SER B 32 8.20 -13.09 9.98
CA SER B 32 7.31 -12.35 9.11
C SER B 32 6.02 -13.16 8.91
N TYR B 33 4.92 -12.44 8.69
CA TYR B 33 3.63 -13.10 8.59
C TYR B 33 3.38 -13.69 7.21
N LEU B 34 3.99 -13.10 6.18
CA LEU B 34 3.87 -13.61 4.81
C LEU B 34 5.24 -13.57 4.15
N VAL B 35 5.33 -14.25 3.02
CA VAL B 35 6.53 -14.22 2.18
C VAL B 35 6.13 -13.71 0.80
N LEU B 36 6.92 -12.79 0.25
CA LEU B 36 6.73 -12.28 -1.10
C LEU B 36 7.66 -13.02 -2.05
N ALA B 37 7.10 -13.56 -3.12
CA ALA B 37 7.88 -14.15 -4.20
C ALA B 37 7.62 -13.37 -5.48
N ALA B 38 8.70 -13.07 -6.21
CA ALA B 38 8.59 -12.28 -7.45
C ALA B 38 9.46 -12.92 -8.52
N VAL B 39 8.85 -13.15 -9.69
CA VAL B 39 9.55 -13.70 -10.84
C VAL B 39 9.54 -12.65 -11.94
N ARG B 40 10.73 -12.24 -12.38
CA ARG B 40 10.91 -11.08 -13.23
C ARG B 40 11.60 -11.50 -14.52
N VAL B 41 10.92 -11.31 -15.64
CA VAL B 41 11.44 -11.69 -16.96
C VAL B 41 11.79 -10.42 -17.72
N GLY B 42 13.01 -10.39 -18.28
CA GLY B 42 13.45 -9.25 -19.07
C GLY B 42 12.93 -9.26 -20.48
N ILE B 43 12.17 -8.24 -20.87
CA ILE B 43 11.50 -8.22 -22.16
C ILE B 43 11.85 -6.96 -22.96
N GLY B 44 12.95 -6.31 -22.60
CA GLY B 44 13.31 -5.06 -23.26
C GLY B 44 13.42 -5.18 -24.77
N GLY B 45 13.92 -6.32 -25.26
CA GLY B 45 14.05 -6.50 -26.69
C GLY B 45 12.73 -6.48 -27.44
N LEU B 46 11.65 -6.83 -26.75
CA LEU B 46 10.32 -6.88 -27.37
C LEU B 46 9.71 -5.50 -27.60
N THR B 47 10.33 -4.44 -27.07
CA THR B 47 9.76 -3.10 -27.24
C THR B 47 9.76 -2.64 -28.69
N TYR B 48 10.50 -3.31 -29.57
CA TYR B 48 10.41 -3.05 -31.00
C TYR B 48 9.17 -3.68 -31.63
N HIS B 49 8.60 -4.69 -30.99
CA HIS B 49 7.27 -5.20 -31.33
C HIS B 49 6.32 -4.70 -30.24
N ASN B 50 5.85 -3.47 -30.43
CA ASN B 50 5.09 -2.76 -29.41
C ASN B 50 3.88 -3.57 -28.96
N GLY B 51 3.79 -3.81 -27.64
CA GLY B 51 2.69 -4.55 -27.07
C GLY B 51 2.89 -6.05 -26.99
N ALA B 52 4.00 -6.58 -27.51
CA ALA B 52 4.22 -8.03 -27.48
C ALA B 52 4.45 -8.52 -26.06
N ALA B 53 5.16 -7.75 -25.24
CA ALA B 53 5.46 -8.21 -23.89
C ALA B 53 4.20 -8.31 -23.05
N ALA B 54 3.34 -7.29 -23.12
CA ALA B 54 2.06 -7.34 -22.41
C ALA B 54 1.19 -8.47 -22.92
N PHE B 55 1.16 -8.69 -24.24
CA PHE B 55 0.42 -9.83 -24.79
C PHE B 55 0.95 -11.15 -24.23
N LEU B 56 2.28 -11.32 -24.22
CA LEU B 56 2.85 -12.53 -23.67
C LEU B 56 2.45 -12.72 -22.21
N GLU B 57 2.47 -11.64 -21.43
CA GLU B 57 2.06 -11.69 -20.03
C GLU B 57 0.67 -12.31 -19.89
N ALA B 58 -0.27 -11.92 -20.76
CA ALA B 58 -1.61 -12.49 -20.70
C ALA B 58 -1.62 -13.95 -21.12
N LEU B 59 -0.81 -14.33 -22.12
CA LEU B 59 -0.74 -15.72 -22.53
C LEU B 59 -0.21 -16.61 -21.43
N LYS B 60 0.74 -16.11 -20.64
CA LYS B 60 1.47 -16.93 -19.68
C LYS B 60 0.59 -17.41 -18.54
N PHE B 61 -0.61 -16.87 -18.38
CA PHE B 61 -1.57 -17.36 -17.41
C PHE B 61 -2.26 -18.64 -17.85
N TRP B 62 -1.98 -19.12 -19.06
CA TRP B 62 -2.67 -20.27 -19.64
C TRP B 62 -1.69 -21.40 -19.95
N ARG B 63 -2.07 -22.62 -19.58
CA ARG B 63 -1.30 -23.82 -19.88
C ARG B 63 -2.25 -25.01 -19.91
N TYR B 64 -2.42 -25.60 -21.10
CA TYR B 64 -3.28 -26.77 -21.26
C TYR B 64 -4.70 -26.51 -20.75
N GLY B 65 -5.24 -25.34 -21.10
CA GLY B 65 -6.57 -24.97 -20.66
C GLY B 65 -6.67 -24.51 -19.22
N GLU B 66 -5.61 -24.60 -18.44
CA GLU B 66 -5.62 -24.20 -17.03
CA GLU B 66 -5.62 -24.20 -17.03
C GLU B 66 -5.16 -22.76 -16.89
N ASN B 67 -5.81 -22.03 -15.98
CA ASN B 67 -5.45 -20.65 -15.68
C ASN B 67 -4.78 -20.59 -14.31
N ILE B 68 -3.54 -20.10 -14.28
CA ILE B 68 -2.78 -20.13 -13.04
C ILE B 68 -3.29 -19.12 -12.02
N TYR B 69 -4.00 -18.08 -12.45
CA TYR B 69 -4.62 -17.20 -11.48
C TYR B 69 -5.71 -17.93 -10.71
N ASN B 70 -6.49 -18.76 -11.40
CA ASN B 70 -7.51 -19.56 -10.73
C ASN B 70 -6.88 -20.59 -9.80
N LEU B 71 -5.83 -21.28 -10.27
CA LEU B 71 -5.16 -22.27 -9.44
C LEU B 71 -4.57 -21.62 -8.19
N PHE B 72 -3.92 -20.46 -8.35
CA PHE B 72 -3.39 -19.75 -7.19
C PHE B 72 -4.51 -19.30 -6.27
N PHE B 73 -5.62 -18.82 -6.83
CA PHE B 73 -6.73 -18.32 -6.02
C PHE B 73 -7.31 -19.43 -5.14
N GLN B 74 -7.45 -20.63 -5.70
CA GLN B 74 -7.98 -21.75 -4.91
C GLN B 74 -7.01 -22.15 -3.80
N ARG B 75 -5.73 -21.88 -3.98
CA ARG B 75 -4.71 -22.10 -2.95
C ARG B 75 -4.60 -20.93 -1.98
N GLY B 76 -5.48 -19.94 -2.08
CA GLY B 76 -5.44 -18.80 -1.18
C GLY B 76 -4.40 -17.76 -1.47
N ALA B 77 -3.85 -17.74 -2.69
CA ALA B 77 -2.84 -16.77 -3.07
C ALA B 77 -3.31 -15.96 -4.28
N ILE B 78 -3.00 -14.67 -4.27
CA ILE B 78 -3.39 -13.77 -5.35
C ILE B 78 -2.16 -13.50 -6.20
N LEU B 79 -2.20 -13.94 -7.45
CA LEU B 79 -1.11 -13.72 -8.39
C LEU B 79 -1.33 -12.41 -9.14
N ASN B 80 -0.37 -11.51 -9.05
CA ASN B 80 -0.40 -10.24 -9.77
CA ASN B 80 -0.40 -10.24 -9.78
C ASN B 80 0.74 -10.20 -10.78
N ALA B 81 0.46 -9.65 -11.96
CA ALA B 81 1.46 -9.51 -13.01
C ALA B 81 1.32 -8.15 -13.66
N TYR B 82 2.43 -7.62 -14.15
CA TYR B 82 2.45 -6.34 -14.84
C TYR B 82 3.71 -6.24 -15.68
N THR B 83 3.65 -5.37 -16.69
CA THR B 83 4.74 -5.23 -17.66
C THR B 83 5.18 -3.77 -17.69
N THR B 84 6.45 -3.53 -17.41
CA THR B 84 7.06 -2.22 -17.60
C THR B 84 7.81 -2.22 -18.92
N LEU B 85 8.67 -1.22 -19.12
CA LEU B 85 9.36 -1.10 -20.40
C LEU B 85 10.37 -2.23 -20.60
N GLU B 86 10.99 -2.72 -19.53
CA GLU B 86 12.05 -3.70 -19.65
C GLU B 86 11.77 -5.03 -18.97
N PHE B 87 10.71 -5.16 -18.17
CA PHE B 87 10.48 -6.38 -17.43
C PHE B 87 8.98 -6.67 -17.34
N THR B 88 8.67 -7.96 -17.25
CA THR B 88 7.34 -8.42 -16.84
C THR B 88 7.48 -9.13 -15.49
N ASP B 89 6.72 -8.67 -14.50
CA ASP B 89 6.76 -9.21 -13.15
C ASP B 89 5.59 -10.15 -12.90
N TYR B 90 5.86 -11.21 -12.12
CA TYR B 90 4.83 -12.12 -11.61
C TYR B 90 5.05 -12.23 -10.10
N VAL B 91 4.16 -11.62 -9.32
CA VAL B 91 4.38 -11.41 -7.89
C VAL B 91 3.21 -11.99 -7.10
N PHE B 92 3.51 -12.59 -5.95
CA PHE B 92 2.45 -13.08 -5.08
C PHE B 92 2.95 -13.15 -3.64
N LEU B 93 1.99 -13.06 -2.72
CA LEU B 93 2.23 -13.27 -1.30
C LEU B 93 1.60 -14.59 -0.87
N SER B 94 2.29 -15.30 0.03
CA SER B 94 1.68 -16.46 0.67
C SER B 94 2.45 -16.78 1.95
N LYS B 95 1.88 -17.67 2.75
CA LYS B 95 2.62 -18.22 3.87
C LYS B 95 3.78 -19.06 3.35
N GLU B 96 4.87 -19.09 4.14
CA GLU B 96 6.11 -19.66 3.64
C GLU B 96 5.96 -21.13 3.25
N GLU B 97 5.08 -21.87 3.94
CA GLU B 97 4.91 -23.29 3.66
C GLU B 97 4.45 -23.53 2.22
N SER B 98 3.77 -22.55 1.61
CA SER B 98 3.26 -22.69 0.26
C SER B 98 4.19 -22.13 -0.81
N ILE B 99 5.32 -21.53 -0.41
CA ILE B 99 6.16 -20.80 -1.34
C ILE B 99 6.72 -21.74 -2.41
N ASN B 100 7.28 -22.88 -1.99
CA ASN B 100 7.93 -23.77 -2.94
C ASN B 100 6.96 -24.29 -4.00
N GLU B 101 5.79 -24.75 -3.57
CA GLU B 101 4.84 -25.31 -4.54
C GLU B 101 4.24 -24.24 -5.43
N ASN B 102 3.98 -23.04 -4.88
CA ASN B 102 3.45 -21.96 -5.69
C ASN B 102 4.48 -21.48 -6.71
N LEU B 103 5.74 -21.37 -6.29
CA LEU B 103 6.79 -20.91 -7.20
C LEU B 103 7.01 -21.90 -8.33
N ASN B 104 7.06 -23.20 -8.01
CA ASN B 104 7.31 -24.19 -9.05
C ASN B 104 6.13 -24.27 -10.02
N LEU B 105 4.90 -24.13 -9.51
CA LEU B 105 3.74 -24.07 -10.39
C LEU B 105 3.80 -22.83 -11.28
N LEU B 106 4.26 -21.70 -10.75
CA LEU B 106 4.36 -20.48 -11.55
C LEU B 106 5.39 -20.64 -12.66
N LEU B 107 6.57 -21.16 -12.33
CA LEU B 107 7.58 -21.39 -13.35
C LEU B 107 7.13 -22.43 -14.37
N THR B 108 6.26 -23.37 -13.96
CA THR B 108 5.71 -24.33 -14.91
C THR B 108 4.96 -23.62 -16.03
N PHE B 109 4.17 -22.60 -15.68
CA PHE B 109 3.43 -21.83 -16.67
C PHE B 109 4.36 -20.93 -17.47
N LEU B 110 5.27 -20.24 -16.78
CA LEU B 110 6.12 -19.27 -17.46
C LEU B 110 7.03 -19.94 -18.48
N TYR B 111 7.46 -21.17 -18.22
CA TYR B 111 8.36 -21.88 -19.12
C TYR B 111 7.62 -22.87 -20.02
N HIS B 112 6.30 -22.73 -20.13
CA HIS B 112 5.53 -23.38 -21.17
C HIS B 112 5.58 -22.51 -22.43
N HIS B 113 5.77 -23.14 -23.59
CA HIS B 113 6.02 -22.40 -24.83
C HIS B 113 5.05 -22.72 -25.95
N GLN B 114 3.96 -23.43 -25.67
CA GLN B 114 2.98 -23.77 -26.69
C GLN B 114 1.68 -23.03 -26.43
N TYR B 115 1.17 -22.36 -27.46
CA TYR B 115 -0.10 -21.63 -27.38
C TYR B 115 -0.84 -21.82 -28.69
N ASP B 116 -2.01 -22.48 -28.63
CA ASP B 116 -2.77 -22.76 -29.83
C ASP B 116 -3.37 -21.48 -30.40
N GLU B 117 -3.94 -21.60 -31.60
CA GLU B 117 -4.42 -20.41 -32.30
C GLU B 117 -5.58 -19.76 -31.55
N LYS B 118 -6.49 -20.55 -30.98
CA LYS B 118 -7.65 -19.98 -30.32
C LYS B 118 -7.29 -19.21 -29.06
N THR B 119 -6.23 -19.64 -28.35
CA THR B 119 -5.80 -18.89 -27.18
C THR B 119 -5.21 -17.55 -27.56
N ILE B 120 -4.40 -17.53 -28.63
CA ILE B 120 -3.78 -16.29 -29.09
C ILE B 120 -4.85 -15.30 -29.52
N SER B 121 -5.81 -15.76 -30.33
CA SER B 121 -6.84 -14.85 -30.82
C SER B 121 -7.73 -14.35 -29.69
N LEU B 122 -7.96 -15.18 -28.67
CA LEU B 122 -8.77 -14.74 -27.53
C LEU B 122 -8.06 -13.64 -26.75
N GLU B 123 -6.79 -13.83 -26.44
CA GLU B 123 -6.08 -12.80 -25.68
C GLU B 123 -5.89 -11.53 -26.51
N ARG B 124 -5.77 -11.65 -27.82
CA ARG B 124 -5.71 -10.47 -28.67
C ARG B 124 -7.00 -9.68 -28.58
N ASN B 125 -8.14 -10.37 -28.71
CA ASN B 125 -9.44 -9.70 -28.60
C ASN B 125 -9.57 -8.96 -27.26
N ILE B 126 -9.14 -9.61 -26.17
CA ILE B 126 -9.22 -8.98 -24.85
C ILE B 126 -8.38 -7.72 -24.81
N ILE B 127 -7.14 -7.80 -25.33
CA ILE B 127 -6.25 -6.65 -25.29
C ILE B 127 -6.78 -5.50 -26.16
N ILE B 128 -7.46 -5.83 -27.27
CA ILE B 128 -8.00 -4.77 -28.11
C ILE B 128 -9.11 -4.02 -27.38
N ASN B 129 -9.99 -4.74 -26.69
CA ASN B 129 -11.01 -4.08 -25.89
C ASN B 129 -10.39 -3.33 -24.72
N GLU B 130 -9.27 -3.83 -24.18
CA GLU B 130 -8.56 -3.12 -23.13
C GLU B 130 -7.92 -1.84 -23.65
N ILE B 131 -7.56 -1.81 -24.92
CA ILE B 131 -7.05 -0.59 -25.54
C ILE B 131 -8.12 0.48 -25.53
N ASN B 132 -9.37 0.11 -25.78
CA ASN B 132 -10.48 1.05 -25.88
C ASN B 132 -11.09 1.39 -24.52
N GLY B 133 -10.64 0.77 -23.45
CA GLY B 133 -11.19 1.04 -22.13
C GLY B 133 -10.39 2.04 -21.31
N GLY B 154 1.45 2.14 -32.36
CA GLY B 154 0.52 1.11 -32.79
C GLY B 154 0.51 -0.11 -31.88
N SER B 155 0.09 0.10 -30.63
CA SER B 155 0.04 -1.00 -29.67
C SER B 155 -0.95 -2.07 -30.13
N ALA B 156 -2.17 -1.66 -30.46
CA ALA B 156 -3.15 -2.61 -30.99
C ALA B 156 -2.72 -3.15 -32.34
N GLU B 157 -2.02 -2.33 -33.14
CA GLU B 157 -1.68 -2.74 -34.50
C GLU B 157 -0.57 -3.79 -34.51
N SER B 158 0.42 -3.64 -33.62
CA SER B 158 1.61 -4.48 -33.73
C SER B 158 1.31 -5.93 -33.37
N ILE B 159 0.52 -6.17 -32.31
CA ILE B 159 0.16 -7.54 -31.98
C ILE B 159 -0.78 -8.13 -33.01
N SER B 160 -1.50 -7.29 -33.76
CA SER B 160 -2.30 -7.79 -34.87
C SER B 160 -1.45 -8.26 -36.04
N ARG B 161 -0.16 -7.95 -36.07
CA ARG B 161 0.73 -8.38 -37.12
C ARG B 161 1.65 -9.52 -36.68
N MET B 162 1.37 -10.13 -35.53
CA MET B 162 2.16 -11.23 -35.01
C MET B 162 1.27 -12.45 -34.81
N GLY B 163 1.79 -13.63 -35.17
CA GLY B 163 1.02 -14.85 -35.07
C GLY B 163 1.60 -15.86 -34.10
N ARG B 164 1.11 -17.10 -34.17
CA ARG B 164 1.50 -18.13 -33.21
C ARG B 164 3.00 -18.38 -33.23
N LYS B 165 3.60 -18.44 -34.42
CA LYS B 165 5.02 -18.76 -34.53
C LYS B 165 5.88 -17.67 -33.89
N GLU B 166 5.46 -16.41 -34.02
CA GLU B 166 6.21 -15.33 -33.37
C GLU B 166 6.13 -15.44 -31.84
N PHE B 167 4.91 -15.61 -31.31
CA PHE B 167 4.77 -15.65 -29.86
C PHE B 167 5.50 -16.85 -29.25
N GLU B 168 5.43 -18.01 -29.91
CA GLU B 168 6.12 -19.18 -29.38
C GLU B 168 7.63 -19.03 -29.46
N LEU B 169 8.14 -18.44 -30.56
CA LEU B 169 9.57 -18.18 -30.64
C LEU B 169 10.00 -17.19 -29.58
N ILE B 170 9.24 -16.12 -29.39
CA ILE B 170 9.57 -15.13 -28.38
C ILE B 170 9.54 -15.75 -26.98
N SER B 171 8.59 -16.65 -26.73
CA SER B 171 8.56 -17.34 -25.44
C SER B 171 9.83 -18.13 -25.21
N GLN B 172 10.29 -18.86 -26.22
CA GLN B 172 11.49 -19.66 -26.08
C GLN B 172 12.73 -18.80 -25.94
N LYS B 173 12.72 -17.57 -26.49
CA LYS B 173 13.91 -16.72 -26.42
C LYS B 173 13.97 -15.92 -25.13
N TYR B 174 12.83 -15.48 -24.60
CA TYR B 174 12.81 -14.60 -23.45
C TYR B 174 12.34 -15.25 -22.16
N TYR B 175 11.44 -16.23 -22.22
CA TYR B 175 10.93 -16.86 -20.99
C TYR B 175 11.76 -18.11 -20.71
N THR B 176 12.95 -17.86 -20.18
CA THR B 176 13.95 -18.86 -19.85
C THR B 176 14.49 -18.59 -18.46
N PRO B 177 15.03 -19.60 -17.79
CA PRO B 177 15.70 -19.34 -16.49
C PRO B 177 16.82 -18.33 -16.60
N GLU B 178 17.62 -18.37 -17.68
CA GLU B 178 18.75 -17.45 -17.79
C GLU B 178 18.30 -16.00 -17.86
N ASN B 179 17.11 -15.74 -18.41
CA ASN B 179 16.57 -14.40 -18.51
C ASN B 179 15.58 -14.09 -17.40
N THR B 180 15.63 -14.84 -16.31
CA THR B 180 14.70 -14.69 -15.20
C THR B 180 15.48 -14.32 -13.94
N SER B 181 14.93 -13.39 -13.17
CA SER B 181 15.39 -13.08 -11.82
C SER B 181 14.28 -13.44 -10.84
N ILE B 182 14.63 -14.15 -9.77
CA ILE B 182 13.68 -14.54 -8.74
C ILE B 182 14.06 -13.84 -7.44
N TYR B 183 13.05 -13.30 -6.76
CA TYR B 183 13.22 -12.57 -5.50
C TYR B 183 12.24 -13.13 -4.49
N VAL B 184 12.75 -13.55 -3.33
CA VAL B 184 11.92 -14.13 -2.27
C VAL B 184 12.25 -13.42 -0.96
N ILE B 185 11.24 -12.74 -0.40
CA ILE B 185 11.43 -11.80 0.70
C ILE B 185 10.52 -12.21 1.84
N GLY B 186 11.10 -12.39 3.03
CA GLY B 186 10.38 -12.85 4.20
C GLY B 186 10.62 -14.32 4.47
N GLY B 187 10.19 -14.75 5.65
CA GLY B 187 10.42 -16.14 6.01
C GLY B 187 11.90 -16.42 6.27
N ASN B 188 12.21 -17.71 6.33
CA ASN B 188 13.58 -18.13 6.65
C ASN B 188 14.04 -19.36 5.91
N GLN B 189 13.24 -19.93 5.02
CA GLN B 189 13.67 -21.09 4.24
C GLN B 189 14.40 -20.65 2.99
N ASP B 190 15.35 -21.47 2.57
CA ASP B 190 16.12 -21.20 1.38
C ASP B 190 15.47 -21.83 0.15
N ILE B 191 15.65 -21.18 -0.98
CA ILE B 191 15.18 -21.70 -2.26
C ILE B 191 16.32 -22.49 -2.88
N ASP B 192 16.05 -23.73 -3.27
CA ASP B 192 17.08 -24.54 -3.89
C ASP B 192 16.51 -25.27 -5.10
N LEU B 193 17.41 -25.87 -5.88
CA LEU B 193 17.01 -26.50 -7.13
C LEU B 193 16.14 -27.73 -6.89
N PHE B 194 16.43 -28.49 -5.81
CA PHE B 194 15.64 -29.68 -5.51
C PHE B 194 14.15 -29.36 -5.42
N HIS B 195 13.80 -28.26 -4.77
CA HIS B 195 12.40 -27.88 -4.61
C HIS B 195 11.85 -27.14 -5.83
N ILE B 196 12.71 -26.53 -6.62
CA ILE B 196 12.27 -25.80 -7.82
C ILE B 196 12.96 -26.40 -9.05
N PRO B 197 12.65 -27.64 -9.43
CA PRO B 197 13.32 -28.23 -10.61
C PRO B 197 12.99 -27.51 -11.91
N THR B 198 11.91 -26.72 -11.96
CA THR B 198 11.61 -25.93 -13.15
C THR B 198 12.67 -24.89 -13.46
N ALA B 199 13.60 -24.63 -12.54
CA ALA B 199 14.65 -23.64 -12.75
C ALA B 199 15.73 -24.10 -13.73
N VAL B 200 15.60 -25.30 -14.31
CA VAL B 200 16.49 -25.74 -15.38
C VAL B 200 15.74 -25.96 -16.69
N MET B 201 14.46 -25.57 -16.75
CA MET B 201 13.64 -25.71 -17.96
C MET B 201 14.13 -24.71 -19.00
N THR B 202 15.24 -25.04 -19.63
CA THR B 202 15.92 -24.17 -20.59
C THR B 202 15.48 -24.49 -22.02
N THR B 203 15.82 -23.58 -22.92
CA THR B 203 15.65 -23.73 -24.35
C THR B 203 17.02 -23.61 -25.02
N GLN B 204 17.02 -23.71 -26.35
CA GLN B 204 18.27 -23.57 -27.09
C GLN B 204 18.73 -22.12 -27.20
N TYR B 205 18.03 -21.18 -26.56
CA TYR B 205 18.31 -19.76 -26.69
C TYR B 205 18.87 -19.21 -25.38
N GLY B 206 19.97 -18.47 -25.47
CA GLY B 206 20.55 -17.82 -24.32
C GLY B 206 19.84 -16.51 -23.99
N LYS B 207 20.39 -15.82 -23.00
CA LYS B 207 19.80 -14.55 -22.59
C LYS B 207 19.91 -13.54 -23.72
N PRO B 208 18.85 -12.81 -24.02
CA PRO B 208 18.86 -11.87 -25.16
C PRO B 208 19.61 -10.58 -24.82
N THR B 209 19.94 -9.84 -25.87
CA THR B 209 20.60 -8.55 -25.73
C THR B 209 19.67 -7.54 -25.07
N HIS B 210 20.25 -6.62 -24.30
CA HIS B 210 19.48 -5.63 -23.56
C HIS B 210 19.06 -4.44 -24.43
N LYS B 211 18.89 -4.66 -25.73
CA LYS B 211 18.42 -3.60 -26.61
C LYS B 211 16.98 -3.21 -26.24
N VAL B 212 16.65 -1.94 -26.44
CA VAL B 212 15.37 -1.41 -26.00
C VAL B 212 14.95 -0.28 -26.92
N ASN B 213 13.64 -0.17 -27.15
CA ASN B 213 13.05 0.88 -27.97
C ASN B 213 12.53 2.00 -27.07
N VAL B 214 13.45 2.56 -26.27
CA VAL B 214 13.11 3.72 -25.45
C VAL B 214 12.67 4.88 -26.32
N ASN B 215 13.21 4.97 -27.54
CA ASN B 215 13.03 6.14 -28.37
C ASN B 215 11.59 6.31 -28.86
N GLU B 216 10.80 5.23 -28.90
CA GLU B 216 9.44 5.28 -29.40
C GLU B 216 8.40 5.02 -28.31
N VAL B 217 8.55 3.94 -27.56
CA VAL B 217 7.53 3.57 -26.58
C VAL B 217 7.60 4.47 -25.36
N GLU B 218 8.80 4.73 -24.84
CA GLU B 218 8.96 5.45 -23.58
C GLU B 218 8.75 6.95 -23.79
N MET B 219 9.40 7.53 -24.79
CA MET B 219 9.21 8.94 -25.12
C MET B 219 8.40 9.06 -26.40
N ASN B 220 7.53 10.06 -26.44
CA ASN B 220 6.90 10.50 -27.67
C ASN B 220 7.49 11.85 -28.05
N LYS B 221 7.28 12.24 -29.31
CA LYS B 221 8.03 13.34 -29.91
C LYS B 221 7.90 14.66 -29.14
N ASP B 222 7.01 14.75 -28.16
CA ASP B 222 6.83 15.96 -27.38
C ASP B 222 7.45 15.87 -25.98
N MET B 223 8.51 15.07 -25.84
CA MET B 223 9.28 15.01 -24.60
C MET B 223 10.74 14.82 -24.95
N ILE B 224 11.61 14.96 -23.94
CA ILE B 224 13.04 14.76 -24.11
C ILE B 224 13.56 13.90 -22.97
N LEU B 225 14.59 13.12 -23.26
CA LEU B 225 15.30 12.33 -22.27
C LEU B 225 16.65 12.97 -21.97
N LEU B 226 16.94 13.14 -20.70
CA LEU B 226 18.20 13.72 -20.29
C LEU B 226 18.98 12.68 -19.51
N PRO B 227 20.16 12.28 -20.00
CA PRO B 227 20.88 11.18 -19.36
C PRO B 227 21.56 11.63 -18.07
N VAL B 228 21.38 10.83 -17.02
CA VAL B 228 22.15 10.95 -15.79
C VAL B 228 23.09 9.75 -15.75
N GLU B 229 24.32 9.97 -16.19
CA GLU B 229 25.32 8.91 -16.30
C GLU B 229 26.67 9.52 -15.98
N HIS B 230 27.21 9.15 -14.81
CA HIS B 230 28.53 9.64 -14.42
C HIS B 230 29.34 8.49 -13.85
N GLY B 231 29.38 7.38 -14.59
CA GLY B 231 30.24 6.26 -14.25
C GLY B 231 29.64 5.09 -13.49
N ASP B 232 29.02 5.35 -12.35
CA ASP B 232 28.68 4.29 -11.39
C ASP B 232 27.20 3.92 -11.45
N TYR B 233 26.91 2.62 -11.54
CA TYR B 233 25.52 2.17 -11.65
C TYR B 233 24.68 2.65 -10.47
N LEU B 234 25.14 2.39 -9.24
CA LEU B 234 24.40 2.81 -8.07
C LEU B 234 24.35 4.33 -7.95
N LYS B 235 25.47 5.02 -8.20
CA LYS B 235 25.48 6.47 -8.04
C LYS B 235 24.59 7.16 -9.05
N ASN B 236 24.37 6.55 -10.22
CA ASN B 236 23.46 7.14 -11.20
C ASN B 236 22.06 7.26 -10.62
N ARG B 237 21.61 6.27 -9.85
CA ARG B 237 20.32 6.38 -9.17
C ARG B 237 20.34 7.47 -8.13
N MET B 238 21.43 7.56 -7.35
CA MET B 238 21.55 8.60 -6.34
C MET B 238 21.46 9.99 -6.97
N ILE B 239 22.30 10.25 -7.96
CA ILE B 239 22.38 11.57 -8.58
C ILE B 239 21.07 11.90 -9.29
N CYS B 240 20.44 10.90 -9.91
CA CYS B 240 19.19 11.15 -10.63
C CYS B 240 18.09 11.59 -9.67
N HIS B 241 17.91 10.87 -8.55
CA HIS B 241 16.94 11.30 -7.55
C HIS B 241 17.31 12.65 -6.97
N LEU B 242 18.59 12.85 -6.67
CA LEU B 242 19.05 14.11 -6.08
C LEU B 242 18.67 15.30 -6.96
N ILE B 243 18.99 15.20 -8.25
CA ILE B 243 18.75 16.32 -9.15
C ILE B 243 17.25 16.51 -9.41
N ALA B 244 16.50 15.41 -9.52
CA ALA B 244 15.06 15.53 -9.68
C ALA B 244 14.43 16.20 -8.45
N ASP B 245 14.89 15.81 -7.26
CA ASP B 245 14.38 16.43 -6.03
C ASP B 245 14.77 17.90 -5.95
N MET B 246 16.02 18.22 -6.29
CA MET B 246 16.46 19.62 -6.27
C MET B 246 15.65 20.48 -7.24
N ILE B 247 15.40 19.96 -8.44
CA ILE B 247 14.65 20.74 -9.42
C ILE B 247 13.20 20.92 -8.97
N LYS B 248 12.60 19.88 -8.39
CA LYS B 248 11.23 20.00 -7.90
C LYS B 248 11.14 21.05 -6.79
N HIS B 249 12.13 21.08 -5.90
CA HIS B 249 12.11 22.04 -4.80
C HIS B 249 12.26 23.46 -5.30
N LEU B 250 13.19 23.69 -6.24
CA LEU B 250 13.36 25.02 -6.81
C LEU B 250 12.13 25.46 -7.58
N ALA B 251 11.49 24.52 -8.29
CA ALA B 251 10.24 24.84 -8.96
C ALA B 251 9.14 25.21 -7.98
N GLN B 252 9.12 24.58 -6.80
CA GLN B 252 8.13 24.93 -5.80
C GLN B 252 8.32 26.37 -5.33
N GLN B 253 9.56 26.79 -5.12
CA GLN B 253 9.81 28.14 -4.63
C GLN B 253 9.46 29.19 -5.68
N LEU B 254 9.85 28.96 -6.92
CA LEU B 254 9.46 29.84 -8.02
C LEU B 254 8.05 29.59 -8.51
N GLU B 255 7.39 28.56 -7.98
CA GLU B 255 6.03 28.19 -8.39
C GLU B 255 5.94 27.93 -9.89
N TYR B 256 6.98 27.30 -10.43
CA TYR B 256 6.93 26.75 -11.77
C TYR B 256 5.90 25.62 -11.87
N ASP B 257 5.52 25.32 -13.09
CA ASP B 257 4.82 24.08 -13.42
C ASP B 257 5.78 23.27 -14.28
N VAL B 258 6.62 22.47 -13.63
CA VAL B 258 7.54 21.57 -14.31
C VAL B 258 7.32 20.17 -13.78
N SER B 259 6.99 19.24 -14.69
CA SER B 259 6.87 17.84 -14.36
C SER B 259 8.15 17.15 -14.76
N VAL B 260 8.76 16.42 -13.82
CA VAL B 260 10.04 15.77 -14.04
C VAL B 260 9.84 14.28 -13.77
N GLY B 261 9.75 13.48 -14.83
CA GLY B 261 9.66 12.05 -14.68
C GLY B 261 11.03 11.38 -14.69
N LEU B 262 11.06 10.14 -14.21
CA LEU B 262 12.28 9.37 -14.13
C LEU B 262 12.18 8.13 -14.99
N PHE B 263 13.26 7.81 -15.69
CA PHE B 263 13.41 6.52 -16.35
C PHE B 263 14.59 5.84 -15.67
N ILE B 264 14.28 4.96 -14.72
CA ILE B 264 15.26 4.24 -13.92
C ILE B 264 14.89 2.77 -14.05
N SER B 265 15.67 2.02 -14.83
CA SER B 265 15.34 0.64 -15.15
C SER B 265 16.54 -0.24 -14.86
N THR B 266 16.26 -1.45 -14.37
CA THR B 266 17.32 -2.32 -13.84
C THR B 266 18.39 -2.62 -14.89
N ASN B 267 17.98 -2.86 -16.13
CA ASN B 267 18.92 -3.23 -17.17
C ASN B 267 19.58 -2.02 -17.85
N GLN B 268 19.34 -0.82 -17.35
CA GLN B 268 19.95 0.39 -17.90
C GLN B 268 21.00 0.90 -16.92
N HIS B 269 22.25 1.00 -17.38
CA HIS B 269 23.31 1.53 -16.53
C HIS B 269 23.08 3.01 -16.22
N SER B 270 22.68 3.79 -17.22
CA SER B 270 22.33 5.18 -17.03
C SER B 270 20.92 5.32 -16.46
N CYS B 271 20.69 6.43 -15.77
CA CYS B 271 19.35 6.88 -15.42
C CYS B 271 18.98 8.08 -16.27
N TYR B 272 17.68 8.40 -16.32
CA TYR B 272 17.20 9.42 -17.23
C TYR B 272 16.09 10.25 -16.58
N LEU B 273 16.05 11.52 -16.97
CA LEU B 273 14.99 12.43 -16.54
C LEU B 273 14.03 12.66 -17.70
N LYS B 274 12.74 12.76 -17.38
CA LYS B 274 11.68 13.02 -18.35
C LYS B 274 11.13 14.41 -18.11
N VAL B 275 11.23 15.28 -19.12
CA VAL B 275 10.70 16.63 -19.04
C VAL B 275 9.93 16.93 -20.31
N LYS B 276 8.74 17.49 -20.16
CA LYS B 276 7.98 17.93 -21.32
C LYS B 276 8.80 18.90 -22.17
N LYS B 277 8.72 18.73 -23.49
CA LYS B 277 9.37 19.67 -24.40
C LYS B 277 8.85 21.09 -24.18
N SER B 278 7.62 21.22 -23.68
CA SER B 278 7.06 22.53 -23.36
C SER B 278 7.69 23.14 -22.12
N ASP B 279 8.25 22.32 -21.22
CA ASP B 279 8.87 22.80 -19.99
C ASP B 279 10.39 22.85 -20.10
N GLN B 280 10.94 22.74 -21.31
CA GLN B 280 12.39 22.64 -21.44
C GLN B 280 13.10 23.92 -21.01
N LYS B 281 12.56 25.08 -21.40
CA LYS B 281 13.21 26.35 -21.06
C LYS B 281 13.24 26.56 -19.54
N ARG B 282 12.10 26.34 -18.88
CA ARG B 282 12.05 26.47 -17.43
C ARG B 282 12.98 25.47 -16.75
N PHE B 283 12.94 24.21 -17.21
CA PHE B 283 13.84 23.20 -16.67
C PHE B 283 15.29 23.59 -16.88
N SER B 284 15.63 24.09 -18.07
CA SER B 284 17.00 24.50 -18.34
C SER B 284 17.42 25.63 -17.41
N SER B 285 16.51 26.57 -17.13
CA SER B 285 16.83 27.65 -16.20
C SER B 285 17.09 27.11 -14.80
N LEU B 286 16.29 26.13 -14.37
CA LEU B 286 16.47 25.59 -13.02
C LEU B 286 17.78 24.80 -12.90
N ILE B 287 18.14 24.03 -13.93
CA ILE B 287 19.42 23.32 -13.93
C ILE B 287 20.57 24.32 -13.75
N GLN B 288 20.49 25.44 -14.46
CA GLN B 288 21.50 26.48 -14.31
C GLN B 288 21.44 27.17 -12.96
N GLN B 289 20.27 27.16 -12.31
CA GLN B 289 20.09 27.74 -10.98
C GLN B 289 20.72 26.90 -9.87
N LEU B 290 21.07 25.64 -10.16
CA LEU B 290 21.57 24.75 -9.11
C LEU B 290 22.88 25.25 -8.51
N SER B 291 23.81 25.69 -9.36
CA SER B 291 25.11 26.13 -8.89
C SER B 291 25.12 27.59 -8.43
N MET B 292 23.97 28.26 -8.42
CA MET B 292 23.95 29.66 -7.98
C MET B 292 24.31 29.78 -6.51
N ASP B 293 23.60 29.05 -5.65
CA ASP B 293 23.94 28.99 -4.23
C ASP B 293 24.99 27.90 -4.05
N GLU B 294 26.16 28.29 -3.54
CA GLU B 294 27.26 27.33 -3.37
C GLU B 294 26.90 26.26 -2.37
N HIS B 295 26.32 26.65 -1.23
CA HIS B 295 26.02 25.71 -0.16
C HIS B 295 24.74 24.92 -0.37
N PHE B 296 23.92 25.30 -1.36
CA PHE B 296 22.65 24.60 -1.56
C PHE B 296 22.88 23.15 -1.95
N ILE B 297 23.79 22.89 -2.89
CA ILE B 297 24.04 21.53 -3.34
C ILE B 297 24.60 20.68 -2.20
N GLU B 298 25.58 21.22 -1.47
CA GLU B 298 26.22 20.45 -0.40
C GLU B 298 25.22 20.07 0.69
N THR B 299 24.43 21.04 1.15
CA THR B 299 23.49 20.75 2.22
C THR B 299 22.31 19.89 1.73
N TYR B 300 21.95 20.01 0.45
CA TYR B 300 20.89 19.15 -0.07
C TYR B 300 21.37 17.72 -0.21
N ILE B 301 22.65 17.51 -0.53
CA ILE B 301 23.21 16.16 -0.53
C ILE B 301 23.19 15.58 0.88
N LYS B 302 23.54 16.39 1.88
CA LYS B 302 23.51 15.91 3.26
C LYS B 302 22.10 15.54 3.68
N ASP B 303 21.12 16.38 3.33
CA ASP B 303 19.72 16.06 3.64
C ASP B 303 19.28 14.77 2.95
N TYR B 304 19.64 14.62 1.68
CA TYR B 304 19.21 13.44 0.93
C TYR B 304 19.81 12.16 1.52
N GLN B 305 21.08 12.21 1.92
CA GLN B 305 21.70 11.03 2.52
C GLN B 305 21.01 10.65 3.81
N TRP B 306 20.65 11.64 4.64
CA TRP B 306 19.92 11.36 5.87
C TRP B 306 18.53 10.82 5.58
N ARG B 307 17.84 11.41 4.61
CA ARG B 307 16.51 10.95 4.26
C ARG B 307 16.55 9.56 3.62
N PHE B 308 17.59 9.27 2.86
CA PHE B 308 17.71 7.97 2.20
C PHE B 308 17.83 6.84 3.22
N MET B 309 18.72 7.01 4.21
CA MET B 309 18.90 5.97 5.21
C MET B 309 17.65 5.80 6.06
N ASN B 310 17.02 6.90 6.46
CA ASN B 310 15.80 6.80 7.25
C ASN B 310 14.71 6.07 6.48
N GLU B 311 14.53 6.42 5.20
CA GLU B 311 13.49 5.78 4.41
C GLU B 311 13.79 4.30 4.20
N LEU B 312 15.07 3.94 4.05
CA LEU B 312 15.41 2.53 3.92
C LEU B 312 15.07 1.77 5.18
N VAL B 313 15.39 2.34 6.35
CA VAL B 313 15.03 1.69 7.61
C VAL B 313 13.52 1.45 7.67
N ILE B 314 12.75 2.48 7.35
CA ILE B 314 11.28 2.36 7.37
C ILE B 314 10.82 1.37 6.32
N ASN B 315 11.35 1.48 5.09
CA ASN B 315 10.86 0.67 3.99
C ASN B 315 11.22 -0.81 4.15
N PHE B 316 12.27 -1.14 4.89
CA PHE B 316 12.66 -2.54 5.02
C PHE B 316 11.76 -3.33 5.97
N ASN B 317 10.58 -2.79 6.30
CA ASN B 317 9.55 -3.55 7.00
C ASN B 317 8.46 -4.06 6.07
N GLN B 318 8.26 -3.43 4.91
CA GLN B 318 7.25 -3.86 3.94
C GLN B 318 7.92 -4.71 2.87
N LEU B 319 7.35 -5.88 2.59
CA LEU B 319 7.95 -6.80 1.64
C LEU B 319 8.08 -6.18 0.26
N HIS B 320 7.02 -5.50 -0.21
CA HIS B 320 7.05 -4.92 -1.56
CA HIS B 320 7.07 -4.93 -1.56
C HIS B 320 8.10 -3.81 -1.67
N ASN B 321 8.29 -3.03 -0.60
CA ASN B 321 9.30 -1.98 -0.63
C ASN B 321 10.71 -2.55 -0.71
N ILE B 322 10.97 -3.65 0.01
CA ILE B 322 12.27 -4.32 -0.12
C ILE B 322 12.48 -4.78 -1.56
N TYR B 323 11.42 -5.28 -2.19
CA TYR B 323 11.49 -5.71 -3.58
C TYR B 323 11.89 -4.56 -4.49
N ASP B 324 11.35 -3.36 -4.24
CA ASP B 324 11.70 -2.19 -5.05
C ASP B 324 13.18 -1.83 -4.91
N TYR B 325 13.78 -2.04 -3.74
CA TYR B 325 15.22 -1.84 -3.62
C TYR B 325 15.98 -2.87 -4.43
N MET B 326 15.45 -4.08 -4.54
CA MET B 326 16.14 -5.12 -5.29
C MET B 326 16.06 -4.86 -6.80
N THR B 327 14.99 -4.26 -7.27
CA THR B 327 14.87 -3.97 -8.69
C THR B 327 15.54 -2.67 -9.08
N GLU B 328 15.45 -1.63 -8.23
CA GLU B 328 16.03 -0.35 -8.61
C GLU B 328 17.54 -0.35 -8.41
N TYR B 329 18.02 -0.83 -7.27
CA TYR B 329 19.43 -0.78 -6.93
C TYR B 329 20.12 -2.13 -7.05
N ARG B 330 19.45 -3.13 -7.62
CA ARG B 330 20.02 -4.48 -7.76
C ARG B 330 20.56 -4.99 -6.43
N LEU B 331 19.86 -4.66 -5.35
CA LEU B 331 20.22 -5.15 -4.03
C LEU B 331 20.17 -6.68 -4.02
N GLY B 332 21.23 -7.29 -3.51
CA GLY B 332 21.40 -8.72 -3.67
C GLY B 332 22.65 -9.01 -4.47
N GLU B 333 22.73 -8.45 -5.68
CA GLU B 333 24.04 -8.36 -6.34
C GLU B 333 24.96 -7.43 -5.57
N TYR B 334 24.44 -6.27 -5.19
CA TYR B 334 25.11 -5.33 -4.31
C TYR B 334 24.64 -5.55 -2.86
N THR B 335 25.54 -5.29 -1.93
CA THR B 335 25.19 -5.35 -0.51
C THR B 335 24.59 -4.01 -0.06
N VAL B 336 23.97 -4.03 1.11
CA VAL B 336 23.47 -2.78 1.70
C VAL B 336 24.64 -1.87 2.06
N ALA B 337 25.79 -2.46 2.45
CA ALA B 337 26.97 -1.66 2.70
C ALA B 337 27.44 -0.95 1.44
N GLU B 338 27.44 -1.66 0.31
CA GLU B 338 27.78 -1.02 -0.96
C GLU B 338 26.74 0.04 -1.35
N LEU B 339 25.48 -0.20 -1.02
CA LEU B 339 24.45 0.81 -1.30
C LEU B 339 24.72 2.10 -0.54
N PHE B 340 25.01 1.98 0.75
CA PHE B 340 25.28 3.19 1.55
C PHE B 340 26.64 3.78 1.25
N GLY B 341 27.63 2.93 0.95
CA GLY B 341 28.91 3.46 0.49
C GLY B 341 28.78 4.27 -0.79
N SER B 342 27.96 3.79 -1.72
CA SER B 342 27.69 4.57 -2.93
C SER B 342 26.96 5.87 -2.60
N LEU B 343 25.99 5.81 -1.69
CA LEU B 343 25.25 7.00 -1.28
C LEU B 343 26.17 8.02 -0.61
N ASP B 344 27.08 7.56 0.24
CA ASP B 344 27.97 8.45 0.96
CA ASP B 344 27.95 8.47 0.95
C ASP B 344 29.05 9.06 0.06
N SER B 345 29.29 8.48 -1.12
CA SER B 345 30.31 8.98 -2.03
C SER B 345 29.80 10.06 -2.98
N VAL B 346 28.50 10.36 -2.96
CA VAL B 346 27.97 11.40 -3.83
C VAL B 346 28.39 12.76 -3.27
N ASP B 347 29.06 13.57 -4.10
CA ASP B 347 29.57 14.85 -3.66
C ASP B 347 29.06 15.96 -4.58
N LYS B 348 29.47 17.19 -4.26
CA LYS B 348 29.12 18.36 -5.05
C LYS B 348 29.67 18.26 -6.47
N LEU B 349 30.83 17.64 -6.64
CA LEU B 349 31.42 17.54 -7.98
C LEU B 349 30.64 16.58 -8.85
N ASP B 350 30.02 15.54 -8.28
CA ASP B 350 29.18 14.65 -9.05
C ASP B 350 27.95 15.39 -9.57
N ILE B 351 27.34 16.24 -8.73
CA ILE B 351 26.18 16.99 -9.15
C ILE B 351 26.55 17.98 -10.25
N LEU B 352 27.67 18.70 -10.07
CA LEU B 352 28.08 19.68 -11.07
C LEU B 352 28.42 19.01 -12.40
N ALA B 353 29.05 17.84 -12.34
CA ALA B 353 29.39 17.13 -13.58
C ALA B 353 28.15 16.72 -14.35
N VAL B 354 27.11 16.27 -13.64
CA VAL B 354 25.86 15.93 -14.29
C VAL B 354 25.11 17.19 -14.72
N ARG B 355 25.19 18.25 -13.90
CA ARG B 355 24.62 19.53 -14.30
C ARG B 355 25.21 19.99 -15.64
N ASN B 356 26.54 19.91 -15.78
CA ASN B 356 27.18 20.32 -17.02
C ASN B 356 26.70 19.47 -18.19
N GLU B 357 26.60 18.16 -18.00
CA GLU B 357 26.19 17.29 -19.10
C GLU B 357 24.72 17.49 -19.44
N LEU B 358 23.88 17.79 -18.44
CA LEU B 358 22.48 18.10 -18.71
C LEU B 358 22.35 19.38 -19.54
N ILE B 359 23.19 20.38 -19.25
CA ILE B 359 23.11 21.64 -19.99
C ILE B 359 23.59 21.45 -21.42
N ASN B 360 24.61 20.63 -21.64
CA ASN B 360 25.07 20.35 -22.99
C ASN B 360 24.00 19.66 -23.81
N GLN B 361 23.26 18.73 -23.20
CA GLN B 361 22.17 18.06 -23.90
C GLN B 361 21.03 19.04 -24.16
N LEU B 362 20.74 19.92 -23.21
CA LEU B 362 19.67 20.90 -23.39
C LEU B 362 20.04 21.96 -24.42
N THR B 363 21.33 22.28 -24.53
CA THR B 363 21.76 23.22 -25.57
C THR B 363 21.57 22.62 -26.96
N VAL B 364 21.98 21.37 -27.14
CA VAL B 364 21.79 20.68 -28.40
C VAL B 364 21.10 19.34 -28.18
#